data_7LTG
#
_entry.id   7LTG
#
_cell.length_a   92.270
_cell.length_b   98.390
_cell.length_c   139.070
_cell.angle_alpha   90.000
_cell.angle_beta   90.000
_cell.angle_gamma   90.000
#
_symmetry.space_group_name_H-M   'P 21 21 21'
#
loop_
_entity.id
_entity.type
_entity.pdbx_description
1 polymer 'Histone deacetylase 2'
2 non-polymer 'ZINC ION'
3 non-polymer 'CALCIUM ION'
4 non-polymer DI(HYDROXYETHYL)ETHER
5 non-polymer (3S,6S,9S,15aR)-9-[(2S)-butan-2-yl]-3-(6,6-dihydroxyoctyl)-6-[(1-methoxy-1H-indol-3-yl)methyl]octahydro-2H-pyrido[1,2-a][1,4,7,10]tetraazacyclododecine-1,4,7,10(3H,12H)-tetrone
6 water water
#
_entity_poly.entity_id   1
_entity_poly.type   'polypeptide(L)'
_entity_poly.pdbx_seq_one_letter_code
;MAYSQGGGKKKVCYYYDGDIGNYYYGQGHPMKPHRIRMTHNLLLNYGLYRKMEIYRPHKATAEEMTKYHSDEYIKFLRSI
RPDNMSEYSKQMQRFNVGEDCPVFDGLFEFCQLSTGGSVAGAVKLNRQQTDMAVNWAGGLHHAKKSEASGFCYVNDIVLA
ILELLKYHQRVLYIDIDIHHGDGVEEAFYTTDRVMTVSFHKYGEYFPGTGDLRDIGAGKGKYYAVNFPMRDGIDDESYGQ
IFKPIISKVMEMYQPSAVVLQCGADSLSGDRLGCFNLTVKGHAKCVEVVKTFNLPLLMLGGGGYTIRNVARCWTYETAVA
LDCEIPNELPYNDYFEYFGPDFKLHISPSNMTNQNTPEYMEKIKQRLFENLRMLPH
;
_entity_poly.pdbx_strand_id   A,B,C
#
# COMPACT_ATOMS: atom_id res chain seq x y z
N GLY A 8 18.57 20.73 -27.35
CA GLY A 8 17.74 21.59 -28.19
C GLY A 8 16.74 20.79 -29.00
N LYS A 9 16.28 21.34 -30.15
CA LYS A 9 15.32 20.65 -31.02
C LYS A 9 16.02 19.45 -31.64
N LYS A 10 15.26 18.39 -31.95
CA LYS A 10 15.89 17.19 -32.46
C LYS A 10 15.53 16.80 -33.89
N LYS A 11 16.44 16.08 -34.56
CA LYS A 11 16.17 15.60 -35.91
C LYS A 11 15.28 14.36 -35.68
N VAL A 12 14.15 14.30 -36.40
CA VAL A 12 13.16 13.22 -36.29
C VAL A 12 13.02 12.55 -37.64
N CYS A 13 13.17 11.22 -37.68
CA CYS A 13 12.97 10.41 -38.88
C CYS A 13 11.74 9.58 -38.61
N TYR A 14 10.79 9.63 -39.52
CA TYR A 14 9.50 8.98 -39.39
C TYR A 14 9.29 7.94 -40.50
N TYR A 15 8.82 6.73 -40.12
CA TYR A 15 8.63 5.60 -41.04
C TYR A 15 7.17 5.33 -41.28
N TYR A 16 6.79 5.26 -42.57
CA TYR A 16 5.41 5.01 -42.92
C TYR A 16 5.32 4.42 -44.32
N ASP A 17 4.50 3.36 -44.46
CA ASP A 17 4.22 2.76 -45.75
C ASP A 17 2.75 2.94 -46.05
N GLY A 18 2.42 3.63 -47.15
CA GLY A 18 1.04 3.90 -47.57
C GLY A 18 0.13 2.68 -47.74
N ASP A 19 0.71 1.48 -47.78
CA ASP A 19 -0.09 0.25 -47.89
C ASP A 19 -0.57 -0.27 -46.54
N ILE A 20 0.08 0.14 -45.44
CA ILE A 20 -0.21 -0.39 -44.10
C ILE A 20 -1.69 -0.35 -43.72
N GLY A 21 -2.38 0.72 -44.09
CA GLY A 21 -3.78 0.92 -43.75
C GLY A 21 -4.75 -0.05 -44.41
N ASN A 22 -4.29 -0.79 -45.42
CA ASN A 22 -5.15 -1.75 -46.14
C ASN A 22 -5.19 -3.16 -45.54
N TYR A 23 -4.30 -3.46 -44.58
CA TYR A 23 -4.32 -4.80 -43.92
C TYR A 23 -5.53 -4.89 -43.00
N TYR A 24 -6.27 -6.00 -43.05
CA TYR A 24 -7.51 -6.13 -42.30
C TYR A 24 -7.53 -7.41 -41.48
N TYR A 25 -7.69 -7.29 -40.16
CA TYR A 25 -7.72 -8.42 -39.24
C TYR A 25 -9.03 -9.22 -39.30
N GLY A 26 -10.06 -8.68 -39.90
CA GLY A 26 -11.34 -9.36 -39.99
C GLY A 26 -12.45 -8.62 -39.29
N GLN A 27 -13.70 -8.96 -39.63
CA GLN A 27 -14.92 -8.34 -39.10
C GLN A 27 -14.96 -8.43 -37.56
N GLY A 28 -15.11 -7.26 -36.93
CA GLY A 28 -15.18 -7.14 -35.48
C GLY A 28 -13.85 -7.15 -34.73
N HIS A 29 -12.73 -7.56 -35.39
CA HIS A 29 -11.44 -7.57 -34.68
C HIS A 29 -11.05 -6.13 -34.28
N PRO A 30 -10.73 -5.86 -33.00
CA PRO A 30 -10.39 -4.49 -32.59
C PRO A 30 -9.13 -3.87 -33.22
N MET A 31 -8.16 -4.68 -33.69
CA MET A 31 -6.92 -4.15 -34.28
C MET A 31 -7.17 -3.67 -35.70
N LYS A 32 -7.01 -2.35 -35.90
CA LYS A 32 -7.27 -1.71 -37.18
C LYS A 32 -6.07 -0.97 -37.73
N PRO A 33 -5.29 -1.59 -38.64
CA PRO A 33 -4.11 -0.91 -39.22
C PRO A 33 -4.44 0.42 -39.90
N HIS A 34 -5.73 0.64 -40.28
CA HIS A 34 -6.25 1.87 -40.87
C HIS A 34 -5.96 3.06 -39.96
N ARG A 35 -5.87 2.82 -38.61
CA ARG A 35 -5.54 3.88 -37.65
C ARG A 35 -4.13 4.52 -37.92
N ILE A 36 -3.19 3.77 -38.53
N ILE A 36 -3.19 3.77 -38.52
CA ILE A 36 -1.85 4.25 -38.87
CA ILE A 36 -1.85 4.29 -38.83
C ILE A 36 -1.98 5.24 -40.02
C ILE A 36 -1.99 5.27 -40.01
N ARG A 37 -2.88 4.94 -40.97
CA ARG A 37 -3.15 5.81 -42.14
C ARG A 37 -3.84 7.10 -41.67
N MET A 38 -4.80 6.98 -40.72
CA MET A 38 -5.49 8.15 -40.15
C MET A 38 -4.46 9.06 -39.46
N THR A 39 -3.55 8.46 -38.67
CA THR A 39 -2.49 9.23 -37.96
C THR A 39 -1.68 10.02 -38.99
N HIS A 40 -1.16 9.32 -40.02
CA HIS A 40 -0.36 9.90 -41.09
C HIS A 40 -1.07 11.05 -41.78
N ASN A 41 -2.34 10.82 -42.17
CA ASN A 41 -3.13 11.83 -42.84
C ASN A 41 -3.37 13.05 -41.94
N LEU A 42 -3.54 12.82 -40.64
CA LEU A 42 -3.74 13.92 -39.71
C LEU A 42 -2.46 14.74 -39.56
N LEU A 43 -1.31 14.09 -39.32
CA LEU A 43 -0.08 14.86 -39.18
C LEU A 43 0.37 15.56 -40.50
N LEU A 44 0.02 15.00 -41.68
CA LEU A 44 0.33 15.67 -42.96
C LEU A 44 -0.48 16.96 -43.04
N ASN A 45 -1.78 16.89 -42.63
CA ASN A 45 -2.69 18.05 -42.64
C ASN A 45 -2.32 19.12 -41.64
N TYR A 46 -1.59 18.77 -40.55
CA TYR A 46 -1.10 19.75 -39.58
C TYR A 46 0.19 20.40 -40.10
N GLY A 47 0.75 19.84 -41.18
CA GLY A 47 1.97 20.32 -41.84
C GLY A 47 3.26 19.82 -41.21
N LEU A 48 3.19 18.77 -40.37
CA LEU A 48 4.36 18.24 -39.68
C LEU A 48 5.42 17.60 -40.62
N TYR A 49 5.06 17.28 -41.89
CA TYR A 49 5.97 16.72 -42.89
C TYR A 49 7.09 17.72 -43.23
N ARG A 50 6.86 19.00 -42.93
CA ARG A 50 7.83 20.08 -43.19
C ARG A 50 8.97 20.03 -42.22
N LYS A 51 8.74 19.45 -41.04
CA LYS A 51 9.73 19.41 -39.97
C LYS A 51 10.45 18.09 -39.78
N MET A 52 10.06 17.05 -40.54
CA MET A 52 10.71 15.76 -40.36
C MET A 52 10.92 15.04 -41.66
N GLU A 53 11.86 14.09 -41.64
CA GLU A 53 12.18 13.28 -42.81
C GLU A 53 11.27 12.08 -42.80
N ILE A 54 10.54 11.87 -43.90
CA ILE A 54 9.60 10.76 -44.03
C ILE A 54 10.22 9.69 -44.90
N TYR A 55 10.36 8.47 -44.35
CA TYR A 55 10.93 7.31 -45.02
C TYR A 55 9.91 6.23 -45.14
N ARG A 56 9.99 5.45 -46.22
CA ARG A 56 9.12 4.31 -46.40
C ARG A 56 9.99 3.14 -45.93
N PRO A 57 9.54 2.33 -44.97
CA PRO A 57 10.42 1.24 -44.50
C PRO A 57 10.58 0.16 -45.56
N HIS A 58 11.69 -0.60 -45.51
CA HIS A 58 11.85 -1.76 -46.40
C HIS A 58 11.02 -2.91 -45.77
N LYS A 59 10.76 -3.96 -46.52
CA LYS A 59 10.07 -5.12 -45.98
C LYS A 59 11.16 -5.99 -45.34
N ALA A 60 11.18 -6.09 -43.99
CA ALA A 60 12.17 -6.89 -43.24
C ALA A 60 12.17 -8.35 -43.78
N THR A 61 13.36 -8.95 -43.94
CA THR A 61 13.37 -10.31 -44.50
C THR A 61 13.31 -11.37 -43.41
N ALA A 62 13.25 -12.66 -43.83
CA ALA A 62 13.26 -13.80 -42.91
C ALA A 62 14.59 -13.83 -42.16
N GLU A 63 15.70 -13.43 -42.81
CA GLU A 63 17.02 -13.37 -42.17
C GLU A 63 16.97 -12.38 -41.01
N GLU A 64 16.36 -11.18 -41.24
CA GLU A 64 16.25 -10.15 -40.20
C GLU A 64 15.40 -10.67 -39.04
N MET A 65 14.27 -11.29 -39.34
CA MET A 65 13.34 -11.79 -38.30
C MET A 65 13.89 -12.91 -37.44
N THR A 66 14.73 -13.78 -38.03
CA THR A 66 15.34 -14.91 -37.33
C THR A 66 16.54 -14.51 -36.48
N LYS A 67 16.80 -13.17 -36.30
CA LYS A 67 17.82 -12.71 -35.36
C LYS A 67 17.20 -12.96 -33.95
N TYR A 68 15.87 -13.23 -33.91
CA TYR A 68 15.15 -13.52 -32.67
C TYR A 68 14.21 -14.72 -32.80
N HIS A 69 13.30 -14.67 -33.80
CA HIS A 69 12.32 -15.72 -33.98
C HIS A 69 12.90 -17.01 -34.54
N SER A 70 12.23 -18.14 -34.25
CA SER A 70 12.71 -19.42 -34.75
C SER A 70 12.47 -19.52 -36.25
N ASP A 71 13.35 -20.25 -36.93
CA ASP A 71 13.24 -20.51 -38.35
C ASP A 71 11.88 -21.13 -38.67
N GLU A 72 11.40 -22.11 -37.87
CA GLU A 72 10.12 -22.80 -38.07
C GLU A 72 8.91 -21.87 -38.01
N TYR A 73 8.90 -20.96 -37.03
CA TYR A 73 7.81 -20.01 -36.86
C TYR A 73 7.80 -19.01 -38.02
N ILE A 74 8.96 -18.49 -38.41
CA ILE A 74 9.03 -17.52 -39.53
C ILE A 74 8.63 -18.24 -40.82
N LYS A 75 9.08 -19.51 -41.03
CA LYS A 75 8.67 -20.26 -42.24
C LYS A 75 7.16 -20.41 -42.27
N PHE A 76 6.53 -20.63 -41.10
CA PHE A 76 5.07 -20.76 -41.01
C PHE A 76 4.40 -19.42 -41.37
N LEU A 77 4.85 -18.32 -40.76
CA LEU A 77 4.25 -17.00 -41.07
C LEU A 77 4.33 -16.67 -42.56
N ARG A 78 5.45 -17.02 -43.24
CA ARG A 78 5.66 -16.80 -44.67
C ARG A 78 4.72 -17.68 -45.55
N SER A 79 4.25 -18.82 -45.01
CA SER A 79 3.45 -19.83 -45.73
C SER A 79 1.95 -19.76 -45.54
N ILE A 80 1.49 -19.47 -44.33
CA ILE A 80 0.07 -19.48 -43.99
C ILE A 80 -0.73 -18.38 -44.72
N ARG A 81 -1.90 -18.75 -45.26
CA ARG A 81 -2.78 -17.87 -46.00
C ARG A 81 -4.23 -18.29 -45.73
N PRO A 82 -5.25 -17.40 -45.93
CA PRO A 82 -6.65 -17.85 -45.71
C PRO A 82 -7.10 -19.03 -46.59
N ASP A 83 -6.46 -19.23 -47.76
CA ASP A 83 -6.78 -20.30 -48.73
C ASP A 83 -6.13 -21.66 -48.44
N ASN A 84 -5.13 -21.72 -47.53
CA ASN A 84 -4.44 -22.98 -47.21
C ASN A 84 -4.50 -23.34 -45.71
N MET A 85 -5.28 -22.57 -44.92
CA MET A 85 -5.48 -22.72 -43.47
C MET A 85 -5.86 -24.14 -43.06
N SER A 86 -6.79 -24.76 -43.83
CA SER A 86 -7.29 -26.13 -43.61
C SER A 86 -6.17 -27.16 -43.52
N GLU A 87 -5.11 -26.99 -44.33
CA GLU A 87 -3.93 -27.87 -44.36
C GLU A 87 -2.93 -27.56 -43.23
N TYR A 88 -3.15 -26.46 -42.48
CA TYR A 88 -2.24 -26.02 -41.42
C TYR A 88 -2.83 -25.99 -39.99
N SER A 89 -3.99 -26.65 -39.76
CA SER A 89 -4.72 -26.75 -38.50
C SER A 89 -3.86 -26.91 -37.24
N LYS A 90 -2.94 -27.89 -37.26
CA LYS A 90 -2.02 -28.24 -36.18
C LYS A 90 -0.96 -27.16 -35.97
N GLN A 91 -0.44 -26.63 -37.09
CA GLN A 91 0.60 -25.60 -37.13
C GLN A 91 0.04 -24.30 -36.52
N MET A 92 -1.20 -23.95 -36.87
CA MET A 92 -1.89 -22.77 -36.36
C MET A 92 -1.97 -22.81 -34.84
N GLN A 93 -2.40 -23.97 -34.28
CA GLN A 93 -2.50 -24.12 -32.82
C GLN A 93 -1.14 -24.03 -32.15
N ARG A 94 -0.11 -24.67 -32.72
CA ARG A 94 1.25 -24.66 -32.19
C ARG A 94 1.84 -23.22 -32.09
N PHE A 95 1.56 -22.41 -33.11
CA PHE A 95 2.06 -21.03 -33.22
C PHE A 95 1.11 -19.93 -32.70
N ASN A 96 -0.02 -20.37 -32.10
CA ASN A 96 -1.04 -19.49 -31.52
C ASN A 96 -1.68 -18.53 -32.56
N VAL A 97 -1.90 -19.03 -33.76
CA VAL A 97 -2.52 -18.23 -34.80
C VAL A 97 -3.95 -18.78 -34.92
N GLY A 98 -4.93 -17.90 -34.95
CA GLY A 98 -6.31 -18.34 -35.03
C GLY A 98 -7.37 -17.27 -34.89
N GLU A 99 -7.75 -16.95 -33.65
CA GLU A 99 -8.80 -15.95 -33.41
C GLU A 99 -8.26 -14.61 -32.95
N ASP A 100 -7.46 -14.57 -31.89
CA ASP A 100 -6.89 -13.32 -31.40
C ASP A 100 -5.87 -12.81 -32.42
N CYS A 101 -5.11 -13.75 -33.04
CA CYS A 101 -4.06 -13.49 -34.04
C CYS A 101 -4.45 -14.19 -35.33
N PRO A 102 -5.45 -13.63 -36.04
CA PRO A 102 -5.96 -14.32 -37.23
C PRO A 102 -5.04 -14.36 -38.41
N VAL A 103 -5.40 -15.26 -39.34
CA VAL A 103 -4.70 -15.40 -40.61
C VAL A 103 -5.49 -14.46 -41.52
N PHE A 104 -4.81 -13.44 -42.08
CA PHE A 104 -5.49 -12.53 -43.00
C PHE A 104 -4.64 -12.34 -44.24
N ASP A 105 -5.24 -11.88 -45.36
CA ASP A 105 -4.52 -11.64 -46.62
C ASP A 105 -3.36 -10.67 -46.37
N GLY A 106 -2.15 -11.04 -46.80
CA GLY A 106 -0.98 -10.18 -46.65
C GLY A 106 -0.39 -10.12 -45.24
N LEU A 107 -0.75 -11.10 -44.38
CA LEU A 107 -0.23 -11.14 -43.00
C LEU A 107 1.30 -11.00 -42.93
N PHE A 108 2.03 -11.81 -43.73
CA PHE A 108 3.49 -11.73 -43.68
C PHE A 108 4.01 -10.34 -44.09
N GLU A 109 3.42 -9.73 -45.14
CA GLU A 109 3.85 -8.40 -45.59
C GLU A 109 3.60 -7.35 -44.53
N PHE A 110 2.47 -7.47 -43.82
CA PHE A 110 2.14 -6.56 -42.73
C PHE A 110 3.25 -6.64 -41.66
N CYS A 111 3.70 -7.88 -41.31
CA CYS A 111 4.79 -8.10 -40.35
C CYS A 111 6.09 -7.51 -40.88
N GLN A 112 6.36 -7.71 -42.17
CA GLN A 112 7.58 -7.17 -42.79
C GLN A 112 7.63 -5.66 -42.72
N LEU A 113 6.48 -4.99 -42.90
CA LEU A 113 6.42 -3.51 -42.88
C LEU A 113 6.52 -2.94 -41.48
N SER A 114 5.81 -3.57 -40.54
CA SER A 114 5.80 -3.16 -39.13
C SER A 114 7.24 -3.28 -38.62
N THR A 115 7.91 -4.43 -38.92
CA THR A 115 9.30 -4.70 -38.48
C THR A 115 10.32 -3.83 -39.20
N GLY A 116 10.18 -3.68 -40.52
CA GLY A 116 11.09 -2.86 -41.32
C GLY A 116 11.26 -1.46 -40.76
N GLY A 117 10.15 -0.83 -40.34
CA GLY A 117 10.23 0.51 -39.78
C GLY A 117 11.01 0.57 -38.47
N SER A 118 10.81 -0.40 -37.58
CA SER A 118 11.52 -0.41 -36.30
C SER A 118 13.01 -0.67 -36.47
N VAL A 119 13.36 -1.64 -37.30
N VAL A 119 13.38 -1.65 -37.30
CA VAL A 119 14.77 -1.99 -37.56
CA VAL A 119 14.80 -2.00 -37.53
C VAL A 119 15.48 -0.85 -38.28
C VAL A 119 15.51 -0.90 -38.32
N ALA A 120 14.84 -0.26 -39.31
CA ALA A 120 15.41 0.87 -40.09
C ALA A 120 15.63 2.06 -39.13
N GLY A 121 14.67 2.30 -38.24
CA GLY A 121 14.81 3.37 -37.26
C GLY A 121 16.00 3.12 -36.33
N ALA A 122 16.17 1.87 -35.86
CA ALA A 122 17.30 1.54 -34.97
C ALA A 122 18.63 1.75 -35.71
N VAL A 123 18.71 1.32 -36.99
CA VAL A 123 19.94 1.49 -37.82
C VAL A 123 20.27 2.99 -37.92
N LYS A 124 19.25 3.82 -38.20
CA LYS A 124 19.42 5.26 -38.35
C LYS A 124 19.97 5.88 -37.05
N LEU A 125 19.51 5.41 -35.89
CA LEU A 125 19.97 5.90 -34.59
C LEU A 125 21.41 5.45 -34.32
N ASN A 126 21.75 4.20 -34.66
CA ASN A 126 23.10 3.63 -34.48
C ASN A 126 24.13 4.42 -35.29
N ARG A 127 23.72 4.86 -36.48
CA ARG A 127 24.56 5.64 -37.39
C ARG A 127 24.69 7.09 -37.01
N GLN A 128 23.96 7.52 -35.96
CA GLN A 128 23.91 8.90 -35.43
C GLN A 128 23.41 9.88 -36.51
N GLN A 129 22.47 9.39 -37.34
CA GLN A 129 21.86 10.17 -38.41
C GLN A 129 20.58 10.83 -37.97
N THR A 130 20.08 10.45 -36.79
CA THR A 130 18.87 11.03 -36.21
C THR A 130 18.94 10.95 -34.72
N ASP A 131 18.18 11.82 -34.06
CA ASP A 131 18.08 11.85 -32.61
C ASP A 131 16.89 10.97 -32.20
N MET A 132 15.83 10.98 -33.03
CA MET A 132 14.61 10.22 -32.79
C MET A 132 14.11 9.55 -34.04
N ALA A 133 13.61 8.31 -33.90
CA ALA A 133 13.04 7.60 -35.06
C ALA A 133 11.66 7.20 -34.60
N VAL A 134 10.67 7.34 -35.48
CA VAL A 134 9.28 7.04 -35.16
C VAL A 134 8.72 6.00 -36.13
N ASN A 135 8.08 4.96 -35.56
CA ASN A 135 7.44 3.93 -36.37
C ASN A 135 6.11 3.61 -35.70
N TRP A 136 5.02 4.29 -36.07
CA TRP A 136 3.75 3.99 -35.42
C TRP A 136 3.19 2.60 -35.76
N ALA A 137 3.63 1.99 -36.87
CA ALA A 137 3.15 0.65 -37.22
C ALA A 137 3.83 -0.44 -36.37
N GLY A 138 4.80 -0.04 -35.55
CA GLY A 138 5.53 -0.97 -34.70
C GLY A 138 4.99 -1.02 -33.27
N GLY A 139 5.77 -1.58 -32.36
CA GLY A 139 5.36 -1.71 -30.96
C GLY A 139 4.56 -2.95 -30.64
N LEU A 140 4.71 -4.02 -31.45
CA LEU A 140 3.95 -5.27 -31.27
C LEU A 140 4.64 -6.17 -30.22
N HIS A 141 4.58 -5.71 -28.97
CA HIS A 141 5.29 -6.23 -27.81
C HIS A 141 4.96 -7.61 -27.31
N HIS A 142 3.86 -8.25 -27.74
CA HIS A 142 3.54 -9.61 -27.20
C HIS A 142 4.12 -10.78 -27.96
N ALA A 143 4.58 -10.59 -29.22
CA ALA A 143 5.09 -11.73 -29.99
C ALA A 143 6.28 -12.42 -29.33
N LYS A 144 6.27 -13.76 -29.35
CA LYS A 144 7.27 -14.58 -28.70
C LYS A 144 8.17 -15.19 -29.73
N LYS A 145 9.29 -15.77 -29.29
CA LYS A 145 10.27 -16.40 -30.19
C LYS A 145 9.61 -17.34 -31.22
N SER A 146 8.70 -18.22 -30.79
CA SER A 146 8.04 -19.15 -31.72
C SER A 146 6.53 -19.12 -31.58
N GLU A 147 5.94 -17.95 -31.30
CA GLU A 147 4.50 -17.89 -31.12
C GLU A 147 3.97 -16.48 -31.27
N ALA A 148 2.81 -16.33 -31.93
CA ALA A 148 2.09 -15.07 -32.05
C ALA A 148 1.33 -14.88 -30.71
N SER A 149 0.96 -13.65 -30.39
CA SER A 149 0.18 -13.39 -29.18
C SER A 149 -0.38 -11.98 -29.21
N GLY A 150 -1.62 -11.84 -28.75
CA GLY A 150 -2.30 -10.55 -28.60
C GLY A 150 -2.12 -9.59 -29.75
N PHE A 151 -2.50 -10.09 -30.92
CA PHE A 151 -2.50 -9.40 -32.23
C PHE A 151 -1.13 -9.16 -32.85
N CYS A 152 -0.05 -9.58 -32.16
CA CYS A 152 1.38 -9.42 -32.52
C CYS A 152 1.89 -10.72 -33.07
N TYR A 153 2.59 -10.67 -34.23
CA TYR A 153 3.15 -11.88 -34.84
C TYR A 153 4.68 -11.84 -34.82
N VAL A 154 5.27 -10.70 -35.18
CA VAL A 154 6.72 -10.57 -35.18
C VAL A 154 7.03 -9.46 -34.19
N ASN A 155 7.97 -9.73 -33.27
CA ASN A 155 8.35 -8.75 -32.26
C ASN A 155 9.36 -7.74 -32.80
N ASP A 156 8.85 -6.69 -33.48
CA ASP A 156 9.66 -5.63 -34.09
C ASP A 156 10.52 -4.95 -33.05
N ILE A 157 10.02 -4.86 -31.78
CA ILE A 157 10.76 -4.20 -30.69
C ILE A 157 11.98 -4.97 -30.33
N VAL A 158 11.82 -6.28 -30.10
CA VAL A 158 12.99 -7.11 -29.75
C VAL A 158 14.05 -6.99 -30.88
N LEU A 159 13.61 -7.07 -32.14
CA LEU A 159 14.49 -6.96 -33.31
C LEU A 159 15.20 -5.60 -33.36
N ALA A 160 14.46 -4.51 -33.09
CA ALA A 160 15.02 -3.16 -33.05
C ALA A 160 16.03 -3.05 -31.90
N ILE A 161 15.74 -3.66 -30.76
CA ILE A 161 16.67 -3.58 -29.60
C ILE A 161 17.97 -4.34 -29.90
N LEU A 162 17.86 -5.52 -30.52
CA LEU A 162 19.03 -6.34 -30.91
C LEU A 162 19.91 -5.52 -31.86
N GLU A 163 19.30 -4.72 -32.75
CA GLU A 163 20.03 -3.83 -33.67
C GLU A 163 20.75 -2.78 -32.81
N LEU A 164 20.04 -2.12 -31.86
CA LEU A 164 20.66 -1.13 -31.01
C LEU A 164 21.81 -1.70 -30.18
N LEU A 165 21.71 -2.97 -29.75
CA LEU A 165 22.74 -3.63 -28.94
C LEU A 165 24.09 -3.82 -29.67
N LYS A 166 24.10 -3.68 -31.01
CA LYS A 166 25.34 -3.77 -31.79
C LYS A 166 26.25 -2.57 -31.43
N TYR A 167 25.68 -1.41 -31.05
CA TYR A 167 26.41 -0.17 -30.75
C TYR A 167 26.20 0.40 -29.35
N HIS A 168 25.25 -0.16 -28.58
CA HIS A 168 24.93 0.36 -27.25
C HIS A 168 25.03 -0.73 -26.23
N GLN A 169 25.82 -0.50 -25.19
CA GLN A 169 26.03 -1.48 -24.14
C GLN A 169 24.72 -1.73 -23.36
N ARG A 170 23.96 -0.63 -23.08
CA ARG A 170 22.72 -0.64 -22.29
C ARG A 170 21.60 0.07 -23.02
N VAL A 171 20.46 -0.63 -23.21
CA VAL A 171 19.27 -0.08 -23.88
C VAL A 171 18.10 -0.12 -22.90
N LEU A 172 17.38 0.98 -22.77
CA LEU A 172 16.24 1.04 -21.86
C LEU A 172 14.95 0.94 -22.68
N TYR A 173 14.07 0.00 -22.32
CA TYR A 173 12.79 -0.16 -22.98
C TYR A 173 11.68 0.31 -22.02
N ILE A 174 10.77 1.21 -22.49
CA ILE A 174 9.66 1.75 -21.65
C ILE A 174 8.37 1.48 -22.42
N ASP A 175 7.38 0.88 -21.73
CA ASP A 175 6.14 0.48 -22.35
C ASP A 175 4.95 1.12 -21.65
N ILE A 176 4.25 2.07 -22.33
CA ILE A 176 3.11 2.77 -21.75
C ILE A 176 1.77 2.26 -22.32
N ASP A 177 1.82 1.16 -23.08
CA ASP A 177 0.62 0.47 -23.57
C ASP A 177 -0.13 0.01 -22.28
N ILE A 178 -1.48 -0.10 -22.30
CA ILE A 178 -2.20 -0.56 -21.09
C ILE A 178 -1.84 -2.02 -20.77
N HIS A 179 -1.36 -2.81 -21.78
CA HIS A 179 -1.01 -4.21 -21.57
C HIS A 179 0.44 -4.37 -21.22
N HIS A 180 0.75 -5.37 -20.39
CA HIS A 180 2.14 -5.68 -20.05
C HIS A 180 2.91 -6.07 -21.33
N GLY A 181 4.11 -5.52 -21.50
CA GLY A 181 4.98 -5.84 -22.63
C GLY A 181 5.73 -7.12 -22.32
N ASP A 182 5.01 -8.25 -22.22
CA ASP A 182 5.53 -9.58 -21.86
C ASP A 182 6.57 -10.12 -22.84
N GLY A 183 6.31 -9.98 -24.15
CA GLY A 183 7.24 -10.46 -25.18
C GLY A 183 8.63 -9.83 -25.11
N VAL A 184 8.69 -8.52 -24.90
CA VAL A 184 9.96 -7.81 -24.80
C VAL A 184 10.64 -8.19 -23.47
N GLU A 185 9.88 -8.17 -22.37
CA GLU A 185 10.42 -8.58 -21.08
C GLU A 185 11.03 -10.00 -21.13
N GLU A 186 10.27 -10.97 -21.69
CA GLU A 186 10.71 -12.37 -21.81
C GLU A 186 12.01 -12.48 -22.60
N ALA A 187 12.08 -11.85 -23.79
CA ALA A 187 13.31 -11.93 -24.62
C ALA A 187 14.56 -11.48 -23.87
N PHE A 188 14.45 -10.44 -23.01
CA PHE A 188 15.61 -9.89 -22.29
C PHE A 188 15.64 -10.17 -20.79
N TYR A 189 14.81 -11.13 -20.34
CA TYR A 189 14.64 -11.45 -18.93
C TYR A 189 15.92 -11.81 -18.18
N THR A 190 16.87 -12.46 -18.88
CA THR A 190 18.10 -12.91 -18.22
C THR A 190 19.34 -12.08 -18.59
N THR A 191 19.13 -10.85 -19.13
CA THR A 191 20.24 -9.97 -19.44
C THR A 191 20.08 -8.62 -18.77
N ASP A 192 21.24 -8.01 -18.46
CA ASP A 192 21.34 -6.67 -17.88
C ASP A 192 21.62 -5.63 -18.99
N ARG A 193 21.74 -6.08 -20.24
CA ARG A 193 22.00 -5.17 -21.38
C ARG A 193 20.72 -4.47 -21.86
N VAL A 194 19.57 -4.93 -21.38
CA VAL A 194 18.29 -4.29 -21.70
C VAL A 194 17.50 -4.24 -20.40
N MET A 195 17.08 -3.06 -19.98
CA MET A 195 16.23 -2.92 -18.82
C MET A 195 14.83 -2.68 -19.41
N THR A 196 13.86 -3.47 -18.98
CA THR A 196 12.49 -3.32 -19.51
C THR A 196 11.63 -2.74 -18.38
N VAL A 197 10.91 -1.65 -18.68
CA VAL A 197 10.04 -0.99 -17.72
C VAL A 197 8.63 -0.96 -18.32
N SER A 198 7.67 -1.63 -17.66
CA SER A 198 6.30 -1.63 -18.18
C SER A 198 5.32 -1.13 -17.14
N PHE A 199 4.40 -0.24 -17.56
CA PHE A 199 3.32 0.30 -16.71
C PHE A 199 2.10 -0.34 -17.37
N HIS A 200 1.23 -1.00 -16.59
CA HIS A 200 0.10 -1.66 -17.26
C HIS A 200 -1.00 -1.99 -16.27
N LYS A 201 -2.18 -2.29 -16.81
CA LYS A 201 -3.30 -2.74 -15.99
C LYS A 201 -2.95 -4.19 -15.63
N TYR A 202 -3.19 -4.56 -14.36
CA TYR A 202 -2.85 -5.90 -13.91
C TYR A 202 -3.98 -6.41 -13.02
N GLY A 203 -4.43 -7.64 -13.26
CA GLY A 203 -5.50 -8.28 -12.50
C GLY A 203 -6.65 -8.59 -13.43
N GLU A 204 -6.84 -9.88 -13.73
CA GLU A 204 -7.87 -10.44 -14.66
C GLU A 204 -7.78 -9.65 -15.96
N TYR A 205 -6.57 -9.53 -16.52
CA TYR A 205 -6.40 -8.73 -17.75
C TYR A 205 -5.28 -9.32 -18.57
N PHE A 206 -5.45 -9.33 -19.88
CA PHE A 206 -4.45 -9.87 -20.80
C PHE A 206 -3.11 -9.10 -20.65
N PRO A 207 -1.94 -9.76 -20.72
CA PRO A 207 -1.71 -11.19 -20.88
C PRO A 207 -1.65 -12.00 -19.58
N GLY A 208 -1.85 -11.35 -18.43
CA GLY A 208 -1.82 -12.01 -17.13
C GLY A 208 -0.48 -11.98 -16.42
N THR A 209 0.50 -11.33 -17.03
CA THR A 209 1.86 -11.21 -16.50
C THR A 209 2.14 -9.77 -16.10
N GLY A 210 3.34 -9.55 -15.59
CA GLY A 210 3.74 -8.21 -15.18
C GLY A 210 3.44 -7.88 -13.74
N ASP A 211 3.58 -8.87 -12.86
CA ASP A 211 3.42 -8.64 -11.39
C ASP A 211 4.64 -7.79 -10.98
N LEU A 212 4.53 -6.92 -9.96
CA LEU A 212 5.71 -6.12 -9.56
C LEU A 212 6.84 -7.01 -9.02
N ARG A 213 6.54 -8.28 -8.64
CA ARG A 213 7.53 -9.24 -8.12
C ARG A 213 8.31 -9.91 -9.28
N ASP A 214 7.92 -9.65 -10.54
CA ASP A 214 8.65 -10.18 -11.71
C ASP A 214 9.74 -9.13 -11.96
N ILE A 215 10.98 -9.46 -11.52
CA ILE A 215 12.09 -8.54 -11.57
C ILE A 215 13.27 -8.98 -12.44
N GLY A 216 13.12 -10.07 -13.17
CA GLY A 216 14.22 -10.57 -13.98
C GLY A 216 14.84 -11.77 -13.32
N ALA A 217 15.75 -12.45 -14.03
CA ALA A 217 16.43 -13.66 -13.51
C ALA A 217 17.90 -13.69 -13.94
N GLY A 218 18.75 -14.36 -13.14
CA GLY A 218 20.18 -14.47 -13.42
C GLY A 218 20.87 -13.12 -13.54
N LYS A 219 21.63 -12.89 -14.64
CA LYS A 219 22.30 -11.59 -14.89
C LYS A 219 21.24 -10.47 -15.04
N GLY A 220 20.02 -10.84 -15.44
CA GLY A 220 18.91 -9.89 -15.60
C GLY A 220 18.15 -9.57 -14.32
N LYS A 221 18.53 -10.15 -13.16
CA LYS A 221 17.80 -9.84 -11.92
C LYS A 221 17.92 -8.34 -11.62
N TYR A 222 16.75 -7.65 -11.41
CA TYR A 222 16.61 -6.21 -11.16
C TYR A 222 16.59 -5.39 -12.47
N TYR A 223 16.65 -6.06 -13.62
CA TYR A 223 16.62 -5.37 -14.91
C TYR A 223 15.25 -5.51 -15.63
N ALA A 224 14.20 -5.93 -14.88
CA ALA A 224 12.83 -5.98 -15.38
C ALA A 224 12.07 -5.24 -14.29
N VAL A 225 11.30 -4.22 -14.70
CA VAL A 225 10.54 -3.36 -13.79
C VAL A 225 9.09 -3.40 -14.27
N ASN A 226 8.16 -3.68 -13.33
CA ASN A 226 6.74 -3.75 -13.65
C ASN A 226 5.98 -2.89 -12.68
N PHE A 227 5.09 -2.02 -13.20
CA PHE A 227 4.25 -1.17 -12.37
C PHE A 227 2.79 -1.62 -12.65
N PRO A 228 2.24 -2.52 -11.81
CA PRO A 228 0.85 -2.99 -12.03
C PRO A 228 -0.16 -1.94 -11.57
N MET A 229 -1.18 -1.68 -12.38
CA MET A 229 -2.19 -0.66 -12.08
C MET A 229 -3.62 -1.21 -12.14
N ARG A 230 -4.56 -0.48 -11.55
CA ARG A 230 -5.97 -0.85 -11.54
C ARG A 230 -6.69 0.04 -12.53
N ASP A 231 -8.00 -0.20 -12.76
CA ASP A 231 -8.81 0.63 -13.66
C ASP A 231 -8.85 2.10 -13.27
N GLY A 232 -9.05 2.95 -14.27
CA GLY A 232 -9.30 4.38 -14.09
C GLY A 232 -8.19 5.35 -13.78
N ILE A 233 -6.90 4.94 -13.95
CA ILE A 233 -5.79 5.86 -13.71
C ILE A 233 -5.96 7.11 -14.59
N ASP A 234 -5.67 8.29 -14.03
CA ASP A 234 -5.82 9.56 -14.73
C ASP A 234 -4.47 10.22 -14.96
N ASP A 235 -4.45 11.39 -15.64
CA ASP A 235 -3.22 12.10 -15.94
C ASP A 235 -2.36 12.46 -14.72
N GLU A 236 -2.99 13.01 -13.67
CA GLU A 236 -2.28 13.44 -12.47
C GLU A 236 -1.61 12.28 -11.76
N SER A 237 -2.32 11.17 -11.54
CA SER A 237 -1.80 9.95 -10.90
C SER A 237 -0.67 9.33 -11.73
N TYR A 238 -0.86 9.24 -13.06
CA TYR A 238 0.19 8.67 -13.93
C TYR A 238 1.44 9.53 -13.96
N GLY A 239 1.28 10.84 -14.10
CA GLY A 239 2.40 11.77 -14.17
C GLY A 239 3.26 11.80 -12.93
N GLN A 240 2.62 11.63 -11.77
CA GLN A 240 3.31 11.66 -10.48
C GLN A 240 4.12 10.38 -10.20
N ILE A 241 3.92 9.35 -11.01
CA ILE A 241 4.66 8.12 -10.86
C ILE A 241 5.66 7.89 -12.00
N PHE A 242 5.32 8.31 -13.21
CA PHE A 242 6.17 8.11 -14.38
C PHE A 242 7.48 8.88 -14.32
N LYS A 243 7.44 10.22 -14.13
CA LYS A 243 8.65 11.05 -14.06
C LYS A 243 9.63 10.52 -12.94
N PRO A 244 9.17 10.32 -11.68
CA PRO A 244 10.10 9.77 -10.64
C PRO A 244 10.70 8.40 -10.97
N ILE A 245 9.91 7.45 -11.54
CA ILE A 245 10.42 6.11 -11.87
C ILE A 245 11.45 6.18 -12.99
N ILE A 246 11.10 6.87 -14.09
CA ILE A 246 12.01 7.01 -15.23
C ILE A 246 13.25 7.75 -14.83
N SER A 247 13.13 8.82 -14.01
CA SER A 247 14.32 9.55 -13.57
C SER A 247 15.24 8.62 -12.77
N LYS A 248 14.66 7.76 -11.90
CA LYS A 248 15.48 6.84 -11.07
C LYS A 248 16.15 5.80 -11.94
N VAL A 249 15.39 5.28 -12.92
CA VAL A 249 15.90 4.28 -13.85
C VAL A 249 17.07 4.88 -14.64
N MET A 250 16.92 6.12 -15.15
CA MET A 250 18.00 6.78 -15.90
C MET A 250 19.26 6.94 -15.03
N GLU A 251 19.09 7.37 -13.80
CA GLU A 251 20.20 7.59 -12.84
C GLU A 251 20.98 6.30 -12.54
N MET A 252 20.24 5.23 -12.23
CA MET A 252 20.82 3.94 -11.86
C MET A 252 21.32 3.13 -13.03
N TYR A 253 20.54 3.03 -14.12
CA TYR A 253 20.88 2.22 -15.28
C TYR A 253 21.77 2.91 -16.32
N GLN A 254 21.66 4.24 -16.46
CA GLN A 254 22.49 5.01 -17.43
C GLN A 254 22.50 4.35 -18.82
N PRO A 255 21.31 4.18 -19.48
CA PRO A 255 21.32 3.57 -20.82
C PRO A 255 21.91 4.57 -21.82
N SER A 256 22.33 4.10 -22.99
CA SER A 256 22.81 5.02 -24.01
C SER A 256 21.78 5.14 -25.18
N ALA A 257 20.67 4.37 -25.10
CA ALA A 257 19.60 4.44 -26.11
C ALA A 257 18.31 4.06 -25.46
N VAL A 258 17.20 4.56 -25.98
CA VAL A 258 15.87 4.28 -25.40
C VAL A 258 14.87 3.88 -26.49
N VAL A 259 13.96 2.94 -26.14
CA VAL A 259 12.85 2.49 -27.01
C VAL A 259 11.60 2.74 -26.17
N LEU A 260 10.70 3.55 -26.69
CA LEU A 260 9.47 3.87 -25.96
C LEU A 260 8.29 3.36 -26.76
N GLN A 261 7.56 2.37 -26.22
CA GLN A 261 6.36 1.82 -26.86
C GLN A 261 5.21 2.74 -26.36
N CYS A 262 4.50 3.42 -27.30
CA CYS A 262 3.43 4.39 -27.00
C CYS A 262 2.03 3.89 -27.24
N GLY A 263 1.74 2.63 -26.93
CA GLY A 263 0.41 2.05 -27.08
C GLY A 263 -0.61 3.04 -26.55
N ALA A 264 -1.57 3.43 -27.41
CA ALA A 264 -2.62 4.42 -27.12
C ALA A 264 -3.87 3.84 -26.48
N ASP A 265 -3.85 2.53 -26.10
CA ASP A 265 -5.00 1.89 -25.45
C ASP A 265 -5.07 2.27 -23.95
N SER A 266 -4.13 3.12 -23.49
CA SER A 266 -4.11 3.61 -22.11
C SER A 266 -4.96 4.90 -22.03
N LEU A 267 -5.56 5.32 -23.18
CA LEU A 267 -6.39 6.51 -23.20
C LEU A 267 -7.78 6.20 -22.76
N SER A 268 -8.44 7.22 -22.20
CA SER A 268 -9.83 7.23 -21.79
C SER A 268 -10.69 6.89 -23.00
N GLY A 269 -11.67 6.02 -22.81
CA GLY A 269 -12.57 5.64 -23.89
C GLY A 269 -12.06 4.58 -24.85
N ASP A 270 -10.92 3.95 -24.55
CA ASP A 270 -10.43 2.88 -25.43
C ASP A 270 -11.39 1.68 -25.37
N ARG A 271 -11.61 1.05 -26.53
CA ARG A 271 -12.51 -0.10 -26.64
C ARG A 271 -12.11 -1.27 -25.72
N LEU A 272 -10.81 -1.55 -25.61
CA LEU A 272 -10.27 -2.64 -24.79
C LEU A 272 -9.68 -2.17 -23.46
N GLY A 273 -9.21 -0.93 -23.39
CA GLY A 273 -8.58 -0.39 -22.19
C GLY A 273 -9.55 0.18 -21.19
N CYS A 274 -9.13 0.24 -19.93
CA CYS A 274 -9.93 0.75 -18.83
C CYS A 274 -9.20 1.85 -18.04
N PHE A 275 -8.24 2.56 -18.70
CA PHE A 275 -7.55 3.69 -18.08
C PHE A 275 -8.30 4.98 -18.44
N ASN A 276 -7.91 6.09 -17.85
CA ASN A 276 -8.58 7.36 -18.07
C ASN A 276 -7.61 8.50 -18.44
N LEU A 277 -6.55 8.19 -19.18
CA LEU A 277 -5.61 9.22 -19.61
C LEU A 277 -6.15 10.05 -20.78
N THR A 278 -5.70 11.30 -20.88
CA THR A 278 -6.03 12.18 -22.02
C THR A 278 -4.79 12.10 -22.93
N VAL A 279 -4.83 12.68 -24.13
CA VAL A 279 -3.68 12.74 -25.04
C VAL A 279 -2.52 13.52 -24.37
N LYS A 280 -2.81 14.61 -23.65
CA LYS A 280 -1.76 15.38 -22.97
C LYS A 280 -1.09 14.54 -21.88
N GLY A 281 -1.87 13.77 -21.13
CA GLY A 281 -1.37 12.90 -20.06
C GLY A 281 -0.48 11.80 -20.61
N HIS A 282 -0.89 11.21 -21.73
CA HIS A 282 -0.13 10.16 -22.41
C HIS A 282 1.17 10.77 -22.99
N ALA A 283 1.07 11.92 -23.69
CA ALA A 283 2.24 12.56 -24.33
C ALA A 283 3.24 13.11 -23.34
N LYS A 284 2.81 13.34 -22.08
CA LYS A 284 3.69 13.80 -21.02
C LYS A 284 4.81 12.78 -20.88
N CYS A 285 4.53 11.48 -21.11
CA CYS A 285 5.56 10.42 -21.03
C CYS A 285 6.63 10.61 -22.07
N VAL A 286 6.23 11.00 -23.29
CA VAL A 286 7.17 11.25 -24.40
C VAL A 286 8.04 12.44 -24.00
N GLU A 287 7.41 13.51 -23.51
CA GLU A 287 8.09 14.74 -23.05
C GLU A 287 9.16 14.38 -22.00
N VAL A 288 8.79 13.57 -21.02
CA VAL A 288 9.71 13.15 -19.93
C VAL A 288 10.92 12.40 -20.50
N VAL A 289 10.68 11.39 -21.32
CA VAL A 289 11.75 10.57 -21.91
C VAL A 289 12.68 11.46 -22.79
N LYS A 290 12.08 12.36 -23.57
CA LYS A 290 12.81 13.30 -24.45
C LYS A 290 13.82 14.18 -23.70
N THR A 291 13.53 14.58 -22.44
CA THR A 291 14.41 15.46 -21.65
C THR A 291 15.77 14.85 -21.34
N PHE A 292 15.90 13.52 -21.39
CA PHE A 292 17.17 12.85 -21.10
C PHE A 292 18.16 12.94 -22.25
N ASN A 293 17.70 13.47 -23.40
CA ASN A 293 18.51 13.70 -24.59
C ASN A 293 19.28 12.48 -25.04
N LEU A 294 18.63 11.32 -25.08
CA LEU A 294 19.29 10.10 -25.55
C LEU A 294 18.69 9.68 -26.88
N PRO A 295 19.42 8.95 -27.76
CA PRO A 295 18.81 8.43 -29.02
C PRO A 295 17.54 7.68 -28.62
N LEU A 296 16.42 8.01 -29.29
CA LEU A 296 15.12 7.48 -28.93
C LEU A 296 14.34 6.90 -30.10
N LEU A 297 13.84 5.68 -29.92
CA LEU A 297 13.02 5.03 -30.94
C LEU A 297 11.61 4.99 -30.36
N MET A 298 10.67 5.69 -31.02
CA MET A 298 9.27 5.76 -30.60
C MET A 298 8.40 4.85 -31.46
N LEU A 299 7.69 3.93 -30.79
CA LEU A 299 6.87 2.94 -31.47
C LEU A 299 5.39 3.05 -31.07
N GLY A 300 4.53 2.48 -31.91
CA GLY A 300 3.09 2.45 -31.67
C GLY A 300 2.80 1.29 -30.74
N GLY A 301 1.73 0.58 -31.02
CA GLY A 301 1.28 -0.56 -30.21
C GLY A 301 -0.22 -0.62 -30.21
N GLY A 302 -0.82 -0.84 -29.05
CA GLY A 302 -2.29 -0.88 -28.93
C GLY A 302 -2.98 0.45 -29.19
N GLY A 303 -4.32 0.44 -29.13
CA GLY A 303 -5.14 1.61 -29.40
C GLY A 303 -6.29 1.15 -30.28
N TYR A 304 -7.50 1.07 -29.67
CA TYR A 304 -8.67 0.48 -30.30
C TYR A 304 -9.91 1.42 -30.46
N THR A 305 -9.84 2.73 -30.10
CA THR A 305 -10.88 3.80 -30.38
C THR A 305 -10.05 4.66 -31.36
N ILE A 306 -10.10 4.30 -32.65
CA ILE A 306 -9.16 4.76 -33.64
C ILE A 306 -9.08 6.27 -33.80
N ARG A 307 -10.18 7.04 -33.61
CA ARG A 307 -10.04 8.51 -33.70
C ARG A 307 -9.07 9.00 -32.58
N ASN A 308 -9.11 8.39 -31.39
CA ASN A 308 -8.21 8.81 -30.30
C ASN A 308 -6.77 8.39 -30.53
N VAL A 309 -6.56 7.28 -31.23
CA VAL A 309 -5.21 6.80 -31.55
C VAL A 309 -4.57 7.81 -32.52
N ALA A 310 -5.31 8.20 -33.58
CA ALA A 310 -4.77 9.20 -34.54
C ALA A 310 -4.41 10.52 -33.83
N ARG A 311 -5.27 10.98 -32.90
CA ARG A 311 -5.05 12.20 -32.14
C ARG A 311 -3.76 12.07 -31.33
N CYS A 312 -3.63 10.96 -30.60
CA CYS A 312 -2.51 10.67 -29.70
C CYS A 312 -1.17 10.64 -30.42
N TRP A 313 -1.07 9.86 -31.49
CA TRP A 313 0.18 9.71 -32.21
C TRP A 313 0.52 10.94 -33.05
N THR A 314 -0.48 11.73 -33.49
CA THR A 314 -0.18 12.99 -34.19
C THR A 314 0.44 13.96 -33.14
N TYR A 315 -0.21 14.07 -31.97
CA TYR A 315 0.30 14.96 -30.92
C TYR A 315 1.69 14.53 -30.46
N GLU A 316 1.93 13.23 -30.33
CA GLU A 316 3.25 12.71 -29.89
C GLU A 316 4.35 12.96 -30.93
N THR A 317 3.98 12.95 -32.22
CA THR A 317 4.93 13.28 -33.29
C THR A 317 5.29 14.81 -33.12
N ALA A 318 4.27 15.66 -32.88
CA ALA A 318 4.41 17.12 -32.69
C ALA A 318 5.30 17.38 -31.48
N VAL A 319 5.09 16.59 -30.41
CA VAL A 319 5.91 16.67 -29.17
C VAL A 319 7.36 16.31 -29.52
N ALA A 320 7.59 15.21 -30.29
CA ALA A 320 8.93 14.78 -30.69
C ALA A 320 9.63 15.92 -31.47
N LEU A 321 8.86 16.67 -32.25
CA LEU A 321 9.36 17.78 -33.09
C LEU A 321 9.45 19.12 -32.36
N ASP A 322 8.93 19.21 -31.12
CA ASP A 322 8.85 20.45 -30.32
C ASP A 322 8.03 21.46 -31.10
N CYS A 323 6.93 21.00 -31.68
CA CYS A 323 6.06 21.81 -32.51
C CYS A 323 4.67 21.90 -31.92
N GLU A 324 4.27 23.12 -31.54
CA GLU A 324 2.95 23.37 -30.99
C GLU A 324 1.99 23.31 -32.16
N ILE A 325 0.91 22.56 -31.99
CA ILE A 325 -0.10 22.41 -33.05
C ILE A 325 -1.44 22.82 -32.45
N PRO A 326 -2.30 23.52 -33.23
CA PRO A 326 -3.59 23.95 -32.68
C PRO A 326 -4.53 22.81 -32.31
N ASN A 327 -5.39 23.10 -31.37
CA ASN A 327 -6.38 22.13 -30.90
C ASN A 327 -7.45 21.94 -31.97
N GLU A 328 -7.73 22.99 -32.76
CA GLU A 328 -8.71 22.91 -33.84
C GLU A 328 -8.13 21.94 -34.90
N LEU A 329 -8.80 20.78 -35.16
CA LEU A 329 -8.29 19.84 -36.15
C LEU A 329 -8.35 20.43 -37.56
N PRO A 330 -7.28 20.28 -38.36
CA PRO A 330 -7.36 20.76 -39.74
C PRO A 330 -8.23 19.78 -40.51
N TYR A 331 -8.77 20.21 -41.67
CA TYR A 331 -9.55 19.30 -42.50
C TYR A 331 -8.60 18.14 -42.92
N ASN A 332 -9.14 16.93 -43.07
CA ASN A 332 -8.35 15.76 -43.45
C ASN A 332 -9.28 14.74 -44.09
N ASP A 333 -8.71 13.65 -44.69
CA ASP A 333 -9.46 12.59 -45.35
C ASP A 333 -10.43 11.83 -44.43
N TYR A 334 -10.22 11.92 -43.11
CA TYR A 334 -11.01 11.22 -42.10
C TYR A 334 -11.67 12.14 -41.11
N PHE A 335 -11.92 13.39 -41.54
CA PHE A 335 -12.48 14.47 -40.69
C PHE A 335 -13.74 14.05 -39.91
N GLU A 336 -14.67 13.33 -40.54
CA GLU A 336 -15.90 12.86 -39.89
C GLU A 336 -15.67 11.92 -38.69
N TYR A 337 -14.52 11.22 -38.64
CA TYR A 337 -14.22 10.31 -37.52
C TYR A 337 -13.99 11.10 -36.23
N PHE A 338 -13.66 12.39 -36.33
CA PHE A 338 -13.29 13.22 -35.22
C PHE A 338 -14.42 14.04 -34.62
N GLY A 339 -15.64 13.79 -35.10
CA GLY A 339 -16.81 14.46 -34.54
C GLY A 339 -17.10 13.93 -33.15
N PRO A 340 -17.95 14.61 -32.38
CA PRO A 340 -18.69 15.84 -32.71
C PRO A 340 -17.95 17.15 -32.47
N ASP A 341 -16.76 17.09 -31.85
CA ASP A 341 -15.95 18.26 -31.47
C ASP A 341 -14.95 18.74 -32.53
N PHE A 342 -14.31 17.82 -33.26
CA PHE A 342 -13.29 18.13 -34.28
C PHE A 342 -12.11 18.84 -33.62
N LYS A 343 -11.77 18.40 -32.38
CA LYS A 343 -10.63 18.92 -31.61
C LYS A 343 -9.59 17.83 -31.49
N LEU A 344 -8.33 18.21 -31.28
CA LEU A 344 -7.23 17.24 -31.15
C LEU A 344 -7.24 16.59 -29.75
N HIS A 345 -7.44 17.39 -28.70
CA HIS A 345 -7.39 16.93 -27.32
C HIS A 345 -8.71 16.32 -26.88
N ILE A 346 -8.63 15.40 -25.90
CA ILE A 346 -9.78 14.67 -25.39
C ILE A 346 -9.99 14.96 -23.91
N SER A 347 -11.20 14.73 -23.44
CA SER A 347 -11.54 14.91 -22.04
C SER A 347 -11.56 13.55 -21.34
N PRO A 348 -11.16 13.47 -20.06
CA PRO A 348 -11.28 12.17 -19.37
C PRO A 348 -12.75 11.90 -19.05
N SER A 349 -13.07 10.68 -18.70
CA SER A 349 -14.42 10.33 -18.33
C SER A 349 -14.57 10.50 -16.82
N ASN A 350 -15.78 10.24 -16.28
CA ASN A 350 -16.06 10.35 -14.84
C ASN A 350 -15.81 9.01 -14.12
N MET A 351 -15.10 8.07 -14.77
CA MET A 351 -14.82 6.78 -14.17
C MET A 351 -13.98 6.94 -12.91
N THR A 352 -14.21 6.08 -11.93
CA THR A 352 -13.47 6.09 -10.69
C THR A 352 -12.03 5.63 -10.92
N ASN A 353 -11.09 6.31 -10.28
CA ASN A 353 -9.70 5.91 -10.32
C ASN A 353 -9.53 4.94 -9.15
N GLN A 354 -9.35 3.65 -9.46
CA GLN A 354 -9.15 2.60 -8.45
C GLN A 354 -7.74 2.63 -7.84
N ASN A 355 -6.81 3.36 -8.48
CA ASN A 355 -5.42 3.56 -8.07
C ASN A 355 -5.36 4.71 -7.05
N THR A 356 -5.49 4.37 -5.76
CA THR A 356 -5.44 5.43 -4.76
C THR A 356 -4.04 6.06 -4.74
N PRO A 357 -3.92 7.32 -4.29
CA PRO A 357 -2.58 7.94 -4.22
C PRO A 357 -1.64 7.10 -3.32
N GLU A 358 -2.19 6.45 -2.27
CA GLU A 358 -1.37 5.59 -1.39
C GLU A 358 -0.85 4.36 -2.13
N TYR A 359 -1.70 3.75 -2.95
CA TYR A 359 -1.33 2.57 -3.74
C TYR A 359 -0.19 2.98 -4.69
N MET A 360 -0.36 4.13 -5.38
CA MET A 360 0.67 4.61 -6.33
C MET A 360 2.03 4.83 -5.63
N GLU A 361 2.04 5.49 -4.46
CA GLU A 361 3.26 5.74 -3.70
C GLU A 361 3.90 4.45 -3.22
N LYS A 362 3.08 3.51 -2.74
CA LYS A 362 3.57 2.21 -2.24
C LYS A 362 4.29 1.41 -3.30
N ILE A 363 3.65 1.27 -4.48
CA ILE A 363 4.27 0.51 -5.58
C ILE A 363 5.57 1.23 -5.99
N LYS A 364 5.56 2.57 -6.11
CA LYS A 364 6.76 3.36 -6.48
C LYS A 364 7.90 3.09 -5.49
N GLN A 365 7.58 3.10 -4.18
CA GLN A 365 8.53 2.85 -3.11
C GLN A 365 9.14 1.45 -3.24
N ARG A 366 8.31 0.44 -3.55
CA ARG A 366 8.74 -0.95 -3.72
C ARG A 366 9.67 -1.04 -4.95
N LEU A 367 9.34 -0.34 -6.05
CA LEU A 367 10.20 -0.35 -7.23
C LEU A 367 11.53 0.36 -6.97
N PHE A 368 11.51 1.42 -6.14
CA PHE A 368 12.72 2.18 -5.79
C PHE A 368 13.69 1.27 -5.02
N GLU A 369 13.14 0.37 -4.14
CA GLU A 369 13.95 -0.58 -3.38
C GLU A 369 14.69 -1.50 -4.34
N ASN A 370 14.01 -1.94 -5.44
CA ASN A 370 14.62 -2.84 -6.42
C ASN A 370 15.70 -2.11 -7.21
N LEU A 371 15.47 -0.84 -7.53
CA LEU A 371 16.41 -0.01 -8.27
C LEU A 371 17.71 0.26 -7.50
N ARG A 372 17.65 0.15 -6.15
CA ARG A 372 18.81 0.32 -5.26
C ARG A 372 19.78 -0.85 -5.39
N MET A 373 19.28 -1.97 -5.91
CA MET A 373 20.03 -3.20 -6.10
C MET A 373 20.85 -3.24 -7.37
N LEU A 374 20.79 -2.16 -8.20
CA LEU A 374 21.57 -2.07 -9.43
C LEU A 374 23.04 -1.81 -9.11
N LYS B 10 0.58 -29.94 13.97
CA LYS B 10 -0.87 -30.12 13.80
C LYS B 10 -1.32 -29.89 12.37
N LYS B 11 -2.14 -30.80 11.83
CA LYS B 11 -2.64 -30.73 10.46
C LYS B 11 -3.84 -29.78 10.30
N VAL B 12 -3.83 -28.97 9.20
CA VAL B 12 -4.90 -28.01 8.92
C VAL B 12 -5.52 -28.20 7.54
N CYS B 13 -6.86 -28.38 7.50
CA CYS B 13 -7.59 -28.46 6.24
C CYS B 13 -8.43 -27.17 6.13
N TYR B 14 -8.53 -26.63 4.93
CA TYR B 14 -9.18 -25.35 4.71
C TYR B 14 -10.09 -25.46 3.48
N TYR B 15 -11.31 -24.91 3.59
CA TYR B 15 -12.31 -24.97 2.54
C TYR B 15 -12.56 -23.66 1.90
N TYR B 16 -12.56 -23.65 0.57
CA TYR B 16 -12.80 -22.46 -0.23
C TYR B 16 -13.33 -22.80 -1.61
N ASP B 17 -14.42 -22.14 -2.04
CA ASP B 17 -14.91 -22.30 -3.41
C ASP B 17 -14.67 -20.96 -4.08
N GLY B 18 -14.04 -21.00 -5.24
CA GLY B 18 -13.72 -19.82 -6.05
C GLY B 18 -14.90 -18.95 -6.45
N ASP B 19 -16.13 -19.48 -6.36
CA ASP B 19 -17.29 -18.66 -6.72
C ASP B 19 -17.91 -17.95 -5.54
N ILE B 20 -17.45 -18.28 -4.34
CA ILE B 20 -18.05 -17.72 -3.11
C ILE B 20 -18.08 -16.19 -3.12
N GLY B 21 -17.04 -15.54 -3.65
CA GLY B 21 -16.95 -14.09 -3.70
C GLY B 21 -17.88 -13.41 -4.70
N ASN B 22 -18.56 -14.20 -5.58
CA ASN B 22 -19.45 -13.67 -6.62
C ASN B 22 -20.93 -13.52 -6.19
N TYR B 23 -21.31 -14.07 -5.01
CA TYR B 23 -22.69 -13.94 -4.50
C TYR B 23 -22.82 -12.54 -3.93
N TYR B 24 -23.90 -11.84 -4.26
CA TYR B 24 -24.08 -10.45 -3.86
C TYR B 24 -25.41 -10.23 -3.21
N TYR B 25 -25.39 -9.70 -1.98
CA TYR B 25 -26.58 -9.45 -1.17
C TYR B 25 -27.42 -8.23 -1.64
N GLY B 26 -26.88 -7.44 -2.56
CA GLY B 26 -27.56 -6.27 -3.08
C GLY B 26 -26.91 -4.96 -2.65
N GLN B 27 -27.19 -3.88 -3.41
CA GLN B 27 -26.63 -2.55 -3.14
C GLN B 27 -26.82 -2.07 -1.71
N GLY B 28 -25.71 -1.69 -1.07
CA GLY B 28 -25.69 -1.15 0.29
C GLY B 28 -25.70 -2.20 1.39
N HIS B 29 -26.04 -3.45 1.06
CA HIS B 29 -26.10 -4.50 2.10
C HIS B 29 -24.68 -4.72 2.69
N PRO B 30 -24.51 -4.68 4.02
CA PRO B 30 -23.16 -4.81 4.59
C PRO B 30 -22.48 -6.16 4.39
N MET B 31 -23.27 -7.26 4.23
CA MET B 31 -22.66 -8.58 4.06
C MET B 31 -22.07 -8.72 2.67
N LYS B 32 -20.75 -8.92 2.59
CA LYS B 32 -20.08 -9.00 1.29
C LYS B 32 -19.26 -10.29 1.14
N PRO B 33 -19.80 -11.33 0.48
CA PRO B 33 -19.05 -12.60 0.35
C PRO B 33 -17.67 -12.41 -0.28
N HIS B 34 -17.48 -11.31 -1.03
CA HIS B 34 -16.21 -10.93 -1.67
C HIS B 34 -15.05 -10.90 -0.63
N ARG B 35 -15.36 -10.60 0.65
CA ARG B 35 -14.37 -10.57 1.73
C ARG B 35 -13.69 -11.95 1.93
N ILE B 36 -14.40 -13.04 1.57
CA ILE B 36 -13.86 -14.42 1.69
C ILE B 36 -12.77 -14.61 0.60
N ARG B 37 -13.04 -14.08 -0.61
CA ARG B 37 -12.11 -14.12 -1.72
C ARG B 37 -10.88 -13.27 -1.39
N MET B 38 -11.10 -12.09 -0.77
CA MET B 38 -10.01 -11.24 -0.34
C MET B 38 -9.08 -11.97 0.63
N THR B 39 -9.67 -12.66 1.61
CA THR B 39 -8.95 -13.45 2.60
C THR B 39 -8.13 -14.54 1.89
N HIS B 40 -8.78 -15.30 1.02
CA HIS B 40 -8.14 -16.37 0.28
C HIS B 40 -6.94 -15.85 -0.52
N ASN B 41 -7.13 -14.75 -1.24
CA ASN B 41 -6.05 -14.22 -2.08
C ASN B 41 -4.87 -13.69 -1.22
N LEU B 42 -5.15 -13.13 -0.06
CA LEU B 42 -4.09 -12.66 0.82
C LEU B 42 -3.29 -13.85 1.39
N LEU B 43 -3.97 -14.92 1.88
N LEU B 43 -4.00 -14.94 1.78
CA LEU B 43 -3.20 -16.04 2.42
CA LEU B 43 -3.39 -16.17 2.30
C LEU B 43 -2.38 -16.78 1.29
C LEU B 43 -2.45 -16.78 1.28
N LEU B 44 -2.88 -16.81 0.02
CA LEU B 44 -2.11 -17.38 -1.10
C LEU B 44 -0.82 -16.55 -1.31
N ASN B 45 -0.95 -15.20 -1.30
CA ASN B 45 0.19 -14.29 -1.50
C ASN B 45 1.16 -14.27 -0.33
N TYR B 46 0.73 -14.74 0.87
CA TYR B 46 1.62 -14.91 1.99
C TYR B 46 2.34 -16.27 1.90
N GLY B 47 1.89 -17.12 0.97
CA GLY B 47 2.45 -18.45 0.73
C GLY B 47 1.97 -19.50 1.72
N LEU B 48 0.85 -19.23 2.41
CA LEU B 48 0.31 -20.16 3.43
C LEU B 48 -0.31 -21.46 2.84
N TYR B 49 -0.57 -21.49 1.53
CA TYR B 49 -1.13 -22.67 0.84
C TYR B 49 -0.14 -23.84 0.91
N ARG B 50 1.17 -23.56 1.09
CA ARG B 50 2.22 -24.59 1.14
C ARG B 50 2.08 -25.43 2.40
N LYS B 51 1.46 -24.86 3.44
CA LYS B 51 1.32 -25.45 4.76
C LYS B 51 -0.01 -26.12 5.07
N MET B 52 -0.99 -26.04 4.18
CA MET B 52 -2.25 -26.66 4.51
C MET B 52 -2.90 -27.35 3.34
N GLU B 53 -3.89 -28.18 3.65
CA GLU B 53 -4.66 -28.89 2.65
C GLU B 53 -5.82 -27.97 2.30
N ILE B 54 -5.92 -27.62 1.04
CA ILE B 54 -6.99 -26.76 0.55
C ILE B 54 -7.97 -27.59 -0.24
N TYR B 55 -9.25 -27.55 0.15
CA TYR B 55 -10.33 -28.27 -0.51
C TYR B 55 -11.41 -27.34 -0.99
N ARG B 56 -12.10 -27.76 -2.03
CA ARG B 56 -13.27 -27.06 -2.52
C ARG B 56 -14.45 -27.75 -1.79
N PRO B 57 -15.37 -27.02 -1.15
CA PRO B 57 -16.50 -27.68 -0.51
C PRO B 57 -17.46 -28.26 -1.56
N HIS B 58 -18.21 -29.29 -1.18
CA HIS B 58 -19.26 -29.84 -2.04
C HIS B 58 -20.45 -28.89 -1.81
N LYS B 59 -21.49 -28.96 -2.66
CA LYS B 59 -22.69 -28.17 -2.45
C LYS B 59 -23.55 -29.04 -1.51
N ALA B 60 -23.75 -28.63 -0.24
CA ALA B 60 -24.54 -29.41 0.75
C ALA B 60 -25.93 -29.69 0.19
N THR B 61 -26.38 -30.92 0.35
CA THR B 61 -27.67 -31.33 -0.22
C THR B 61 -28.82 -30.98 0.70
N ALA B 62 -30.05 -31.08 0.18
CA ALA B 62 -31.25 -30.84 1.00
C ALA B 62 -31.27 -31.89 2.11
N GLU B 63 -30.81 -33.15 1.86
CA GLU B 63 -30.75 -34.24 2.86
C GLU B 63 -29.87 -33.80 4.06
N GLU B 64 -28.70 -33.22 3.79
CA GLU B 64 -27.79 -32.71 4.81
C GLU B 64 -28.43 -31.55 5.56
N MET B 65 -29.03 -30.58 4.85
CA MET B 65 -29.61 -29.40 5.50
C MET B 65 -30.79 -29.73 6.40
N THR B 66 -31.59 -30.75 6.01
CA THR B 66 -32.78 -31.11 6.78
C THR B 66 -32.45 -31.97 8.00
N LYS B 67 -31.17 -32.18 8.32
CA LYS B 67 -30.79 -32.86 9.55
C LYS B 67 -31.16 -31.88 10.68
N TYR B 68 -31.34 -30.58 10.32
CA TYR B 68 -31.78 -29.58 11.28
C TYR B 68 -32.99 -28.77 10.80
N HIS B 69 -32.86 -28.11 9.64
CA HIS B 69 -33.89 -27.27 9.11
C HIS B 69 -35.11 -28.05 8.64
N SER B 70 -36.28 -27.40 8.66
CA SER B 70 -37.49 -28.07 8.20
C SER B 70 -37.46 -28.22 6.68
N ASP B 71 -38.03 -29.33 6.18
CA ASP B 71 -38.17 -29.66 4.77
C ASP B 71 -38.85 -28.52 4.01
N GLU B 72 -39.87 -27.90 4.61
CA GLU B 72 -40.61 -26.79 4.01
C GLU B 72 -39.72 -25.54 3.81
N TYR B 73 -38.93 -25.20 4.81
CA TYR B 73 -38.05 -24.05 4.71
C TYR B 73 -36.92 -24.29 3.66
N ILE B 74 -36.31 -25.48 3.65
CA ILE B 74 -35.25 -25.80 2.65
C ILE B 74 -35.86 -25.79 1.24
N LYS B 75 -37.10 -26.33 1.08
CA LYS B 75 -37.79 -26.36 -0.21
C LYS B 75 -37.97 -24.90 -0.70
N PHE B 76 -38.37 -24.00 0.22
CA PHE B 76 -38.54 -22.60 -0.09
C PHE B 76 -37.19 -21.95 -0.54
N LEU B 77 -36.10 -22.17 0.21
CA LEU B 77 -34.79 -21.60 -0.16
C LEU B 77 -34.34 -22.08 -1.52
N ARG B 78 -34.68 -23.33 -1.87
CA ARG B 78 -34.35 -23.98 -3.14
C ARG B 78 -35.21 -23.45 -4.29
N SER B 79 -36.32 -22.76 -3.98
CA SER B 79 -37.27 -22.26 -4.97
C SER B 79 -37.21 -20.79 -5.26
N ILE B 80 -37.04 -19.96 -4.22
CA ILE B 80 -37.07 -18.51 -4.24
C ILE B 80 -35.98 -17.89 -5.12
N ARG B 81 -36.41 -16.98 -6.00
CA ARG B 81 -35.52 -16.30 -6.92
C ARG B 81 -35.97 -14.86 -7.08
N PRO B 82 -35.08 -13.91 -7.44
CA PRO B 82 -35.55 -12.52 -7.63
C PRO B 82 -36.70 -12.43 -8.65
N ASP B 83 -36.73 -13.29 -9.67
CA ASP B 83 -37.80 -13.29 -10.71
C ASP B 83 -39.15 -13.94 -10.31
N ASN B 84 -39.25 -14.58 -9.11
CA ASN B 84 -40.53 -15.20 -8.71
C ASN B 84 -41.01 -14.76 -7.32
N MET B 85 -40.39 -13.71 -6.77
CA MET B 85 -40.68 -13.11 -5.46
C MET B 85 -42.14 -12.72 -5.26
N SER B 86 -42.77 -12.18 -6.31
CA SER B 86 -44.18 -11.77 -6.31
C SER B 86 -45.13 -12.95 -6.02
N GLU B 87 -44.82 -14.15 -6.54
CA GLU B 87 -45.60 -15.38 -6.34
C GLU B 87 -45.41 -15.99 -4.93
N TYR B 88 -44.33 -15.61 -4.21
CA TYR B 88 -43.99 -16.13 -2.88
C TYR B 88 -44.03 -15.11 -1.73
N SER B 89 -44.73 -13.97 -1.90
CA SER B 89 -44.80 -12.93 -0.87
C SER B 89 -45.15 -13.45 0.55
N LYS B 90 -46.14 -14.35 0.70
CA LYS B 90 -46.48 -14.85 2.04
C LYS B 90 -45.42 -15.79 2.62
N GLN B 91 -44.78 -16.62 1.76
CA GLN B 91 -43.71 -17.53 2.19
C GLN B 91 -42.49 -16.72 2.60
N MET B 92 -42.19 -15.61 1.88
CA MET B 92 -41.06 -14.73 2.21
C MET B 92 -41.25 -14.15 3.62
N GLN B 93 -42.51 -13.80 3.95
CA GLN B 93 -42.87 -13.27 5.26
C GLN B 93 -42.71 -14.36 6.31
N ARG B 94 -43.23 -15.57 6.02
CA ARG B 94 -43.18 -16.70 6.95
C ARG B 94 -41.73 -17.13 7.29
N PHE B 95 -40.87 -17.18 6.28
CA PHE B 95 -39.49 -17.63 6.42
C PHE B 95 -38.49 -16.50 6.68
N ASN B 96 -39.00 -15.25 6.87
CA ASN B 96 -38.21 -14.05 7.17
C ASN B 96 -37.13 -13.71 6.12
N VAL B 97 -37.47 -13.86 4.83
CA VAL B 97 -36.56 -13.57 3.73
C VAL B 97 -37.11 -12.35 2.96
N GLY B 98 -36.23 -11.40 2.65
CA GLY B 98 -36.60 -10.20 1.90
C GLY B 98 -36.03 -8.88 2.39
N GLU B 99 -35.54 -8.82 3.64
CA GLU B 99 -34.99 -7.58 4.25
C GLU B 99 -33.50 -7.70 4.61
N ASP B 100 -33.13 -8.11 5.85
CA ASP B 100 -31.74 -8.33 6.23
C ASP B 100 -31.27 -9.54 5.49
N CYS B 101 -32.20 -10.45 5.14
CA CYS B 101 -31.88 -11.69 4.45
C CYS B 101 -32.56 -11.57 3.09
N PRO B 102 -31.93 -10.84 2.14
CA PRO B 102 -32.59 -10.63 0.85
C PRO B 102 -32.61 -11.83 -0.05
N VAL B 103 -33.41 -11.74 -1.11
CA VAL B 103 -33.43 -12.78 -2.11
C VAL B 103 -32.39 -12.30 -3.12
N PHE B 104 -31.41 -13.13 -3.45
CA PHE B 104 -30.43 -12.77 -4.47
C PHE B 104 -30.18 -13.94 -5.39
N ASP B 105 -29.64 -13.68 -6.62
CA ASP B 105 -29.33 -14.74 -7.59
C ASP B 105 -28.31 -15.70 -6.96
N GLY B 106 -28.60 -16.99 -7.02
CA GLY B 106 -27.73 -18.05 -6.49
C GLY B 106 -27.72 -18.18 -4.97
N LEU B 107 -28.73 -17.62 -4.31
CA LEU B 107 -28.87 -17.68 -2.87
C LEU B 107 -28.69 -19.13 -2.36
N PHE B 108 -29.43 -20.11 -2.94
CA PHE B 108 -29.35 -21.49 -2.48
C PHE B 108 -27.97 -22.08 -2.66
N GLU B 109 -27.30 -21.81 -3.80
CA GLU B 109 -25.94 -22.30 -4.10
C GLU B 109 -25.00 -21.72 -3.05
N PHE B 110 -25.20 -20.42 -2.69
CA PHE B 110 -24.38 -19.77 -1.67
C PHE B 110 -24.53 -20.51 -0.34
N CYS B 111 -25.77 -20.85 0.05
CA CYS B 111 -26.03 -21.62 1.28
C CYS B 111 -25.38 -22.99 1.21
N GLN B 112 -25.45 -23.63 0.05
CA GLN B 112 -24.87 -24.97 -0.15
C GLN B 112 -23.36 -25.01 0.06
N LEU B 113 -22.65 -24.02 -0.49
CA LEU B 113 -21.20 -23.90 -0.44
C LEU B 113 -20.70 -23.53 0.98
N SER B 114 -21.39 -22.58 1.63
CA SER B 114 -21.08 -22.17 3.02
C SER B 114 -21.27 -23.37 3.95
N THR B 115 -22.39 -24.10 3.80
CA THR B 115 -22.69 -25.27 4.64
C THR B 115 -21.75 -26.43 4.33
N GLY B 116 -21.52 -26.69 3.03
CA GLY B 116 -20.65 -27.77 2.57
C GLY B 116 -19.30 -27.73 3.25
N GLY B 117 -18.72 -26.53 3.35
CA GLY B 117 -17.41 -26.38 4.00
C GLY B 117 -17.43 -26.78 5.46
N SER B 118 -18.49 -26.38 6.19
CA SER B 118 -18.59 -26.67 7.62
C SER B 118 -18.81 -28.15 7.89
N VAL B 119 -19.74 -28.76 7.17
CA VAL B 119 -20.05 -30.19 7.38
C VAL B 119 -18.85 -31.04 6.91
N ALA B 120 -18.25 -30.69 5.78
CA ALA B 120 -17.09 -31.47 5.31
C ALA B 120 -15.94 -31.37 6.31
N GLY B 121 -15.73 -30.18 6.92
CA GLY B 121 -14.71 -30.01 7.95
C GLY B 121 -14.97 -30.90 9.16
N ALA B 122 -16.23 -30.96 9.63
CA ALA B 122 -16.62 -31.78 10.79
C ALA B 122 -16.40 -33.28 10.50
N VAL B 123 -16.65 -33.71 9.23
CA VAL B 123 -16.42 -35.11 8.82
C VAL B 123 -14.90 -35.44 8.92
N LYS B 124 -14.02 -34.54 8.38
CA LYS B 124 -12.56 -34.72 8.47
C LYS B 124 -12.09 -34.84 9.90
N LEU B 125 -12.66 -33.99 10.80
CA LEU B 125 -12.34 -34.00 12.21
C LEU B 125 -12.77 -35.33 12.86
N ASN B 126 -13.99 -35.81 12.55
CA ASN B 126 -14.59 -37.07 13.05
C ASN B 126 -13.74 -38.29 12.63
N ARG B 127 -13.33 -38.31 11.36
CA ARG B 127 -12.50 -39.35 10.74
C ARG B 127 -11.02 -39.26 11.17
N GLN B 128 -10.68 -38.28 12.01
CA GLN B 128 -9.33 -38.01 12.54
C GLN B 128 -8.31 -37.80 11.43
N GLN B 129 -8.77 -37.27 10.29
CA GLN B 129 -7.94 -36.97 9.13
C GLN B 129 -7.26 -35.60 9.26
N THR B 130 -7.75 -34.77 10.18
CA THR B 130 -7.19 -33.46 10.46
C THR B 130 -7.40 -33.15 11.92
N ASP B 131 -6.62 -32.20 12.44
CA ASP B 131 -6.75 -31.70 13.80
C ASP B 131 -7.55 -30.39 13.80
N MET B 132 -7.50 -29.66 12.67
CA MET B 132 -8.18 -28.38 12.53
C MET B 132 -8.73 -28.26 11.15
N ALA B 133 -9.96 -27.79 11.04
CA ALA B 133 -10.60 -27.54 9.75
C ALA B 133 -11.04 -26.09 9.78
N VAL B 134 -10.88 -25.38 8.65
CA VAL B 134 -11.22 -23.97 8.56
C VAL B 134 -12.22 -23.73 7.43
N ASN B 135 -13.31 -22.99 7.70
CA ASN B 135 -14.30 -22.60 6.69
C ASN B 135 -14.72 -21.13 6.91
N TRP B 136 -14.04 -20.19 6.27
CA TRP B 136 -14.36 -18.76 6.46
C TRP B 136 -15.70 -18.38 5.87
N ALA B 137 -16.23 -19.21 4.95
CA ALA B 137 -17.56 -18.90 4.38
C ALA B 137 -18.71 -19.34 5.33
N GLY B 138 -18.38 -20.07 6.41
CA GLY B 138 -19.34 -20.57 7.39
C GLY B 138 -19.50 -19.61 8.58
N GLY B 139 -20.09 -20.11 9.67
CA GLY B 139 -20.28 -19.29 10.89
C GLY B 139 -21.57 -18.47 10.90
N LEU B 140 -22.57 -18.91 10.13
CA LEU B 140 -23.86 -18.22 9.99
C LEU B 140 -24.80 -18.58 11.14
N HIS B 141 -24.41 -18.10 12.33
CA HIS B 141 -25.03 -18.44 13.63
C HIS B 141 -26.47 -18.00 13.89
N HIS B 142 -27.08 -17.11 13.09
CA HIS B 142 -28.47 -16.70 13.41
C HIS B 142 -29.59 -17.53 12.79
N ALA B 143 -29.32 -18.29 11.73
CA ALA B 143 -30.36 -19.07 11.05
C ALA B 143 -31.07 -20.02 12.01
N LYS B 144 -32.38 -20.06 11.89
CA LYS B 144 -33.26 -20.89 12.75
C LYS B 144 -33.77 -22.10 12.00
N LYS B 145 -34.35 -23.05 12.70
CA LYS B 145 -34.89 -24.26 12.10
C LYS B 145 -35.77 -23.99 10.86
N SER B 146 -36.67 -23.00 10.94
CA SER B 146 -37.56 -22.70 9.82
C SER B 146 -37.62 -21.24 9.45
N GLU B 147 -36.53 -20.50 9.69
CA GLU B 147 -36.55 -19.08 9.41
C GLU B 147 -35.12 -18.53 9.19
N ALA B 148 -34.96 -17.57 8.26
CA ALA B 148 -33.68 -16.90 8.03
C ALA B 148 -33.60 -15.79 9.07
N SER B 149 -32.38 -15.29 9.37
CA SER B 149 -32.21 -14.21 10.33
C SER B 149 -30.81 -13.66 10.25
N GLY B 150 -30.68 -12.35 10.41
CA GLY B 150 -29.39 -11.66 10.46
C GLY B 150 -28.38 -12.09 9.43
N PHE B 151 -28.77 -12.07 8.15
CA PHE B 151 -27.96 -12.38 6.95
C PHE B 151 -27.68 -13.87 6.80
N CYS B 152 -28.21 -14.70 7.73
CA CYS B 152 -28.02 -16.17 7.79
C CYS B 152 -29.24 -16.88 7.31
N TYR B 153 -29.07 -17.86 6.43
CA TYR B 153 -30.21 -18.64 5.91
C TYR B 153 -30.13 -20.08 6.39
N VAL B 154 -28.96 -20.71 6.27
CA VAL B 154 -28.77 -22.11 6.70
C VAL B 154 -27.75 -22.09 7.82
N ASN B 155 -28.08 -22.74 8.92
CA ASN B 155 -27.18 -22.75 10.06
C ASN B 155 -26.15 -23.85 9.92
N ASP B 156 -25.07 -23.52 9.15
CA ASP B 156 -23.94 -24.44 8.90
C ASP B 156 -23.30 -24.87 10.21
N ILE B 157 -23.34 -24.01 11.25
CA ILE B 157 -22.73 -24.36 12.55
C ILE B 157 -23.50 -25.47 13.22
N VAL B 158 -24.83 -25.34 13.29
CA VAL B 158 -25.68 -26.39 13.91
C VAL B 158 -25.47 -27.71 13.15
N LEU B 159 -25.47 -27.65 11.82
CA LEU B 159 -25.28 -28.89 11.02
C LEU B 159 -23.88 -29.51 11.26
N ALA B 160 -22.84 -28.66 11.38
CA ALA B 160 -21.49 -29.17 11.67
C ALA B 160 -21.43 -29.80 13.07
N ILE B 161 -22.09 -29.18 14.05
CA ILE B 161 -22.13 -29.70 15.42
C ILE B 161 -22.87 -31.04 15.44
N LEU B 162 -24.00 -31.15 14.73
CA LEU B 162 -24.78 -32.40 14.65
C LEU B 162 -23.89 -33.52 14.08
N GLU B 163 -23.03 -33.19 13.11
CA GLU B 163 -22.07 -34.15 12.53
C GLU B 163 -21.05 -34.54 13.61
N LEU B 164 -20.46 -33.56 14.32
CA LEU B 164 -19.50 -33.87 15.40
C LEU B 164 -20.17 -34.71 16.50
N LEU B 165 -21.47 -34.48 16.77
CA LEU B 165 -22.16 -35.23 17.84
C LEU B 165 -22.32 -36.74 17.53
N LYS B 166 -22.06 -37.13 16.29
CA LYS B 166 -22.12 -38.57 15.95
C LYS B 166 -20.95 -39.31 16.62
N TYR B 167 -19.80 -38.61 16.83
CA TYR B 167 -18.58 -39.19 17.43
C TYR B 167 -18.19 -38.64 18.77
N HIS B 168 -18.65 -37.43 19.11
CA HIS B 168 -18.26 -36.77 20.33
C HIS B 168 -19.40 -36.62 21.27
N GLN B 169 -19.22 -37.13 22.52
CA GLN B 169 -20.27 -37.05 23.54
C GLN B 169 -20.56 -35.59 23.93
N ARG B 170 -19.51 -34.76 24.01
CA ARG B 170 -19.63 -33.36 24.40
C ARG B 170 -18.88 -32.47 23.40
N VAL B 171 -19.55 -31.45 22.88
CA VAL B 171 -18.97 -30.49 21.93
C VAL B 171 -19.09 -29.10 22.52
N LEU B 172 -18.03 -28.33 22.44
CA LEU B 172 -18.03 -26.98 22.95
C LEU B 172 -18.13 -26.04 21.75
N TYR B 173 -19.06 -25.06 21.84
CA TYR B 173 -19.19 -24.04 20.80
C TYR B 173 -18.77 -22.70 21.43
N ILE B 174 -17.86 -21.95 20.76
CA ILE B 174 -17.38 -20.64 21.23
C ILE B 174 -17.66 -19.61 20.14
N ASP B 175 -18.28 -18.48 20.51
CA ASP B 175 -18.67 -17.49 19.52
C ASP B 175 -18.11 -16.12 19.89
N ILE B 176 -17.15 -15.62 19.09
CA ILE B 176 -16.50 -14.32 19.34
C ILE B 176 -16.99 -13.23 18.34
N ASP B 177 -18.06 -13.54 17.59
CA ASP B 177 -18.71 -12.55 16.71
C ASP B 177 -19.26 -11.48 17.72
N ILE B 178 -19.35 -10.21 17.33
CA ILE B 178 -19.91 -9.20 18.28
C ILE B 178 -21.43 -9.48 18.57
N HIS B 179 -22.13 -10.19 17.67
CA HIS B 179 -23.54 -10.52 17.85
C HIS B 179 -23.68 -11.86 18.59
N HIS B 180 -24.74 -11.98 19.39
CA HIS B 180 -25.02 -13.21 20.11
C HIS B 180 -25.32 -14.31 19.11
N GLY B 181 -24.75 -15.50 19.32
CA GLY B 181 -25.01 -16.66 18.48
C GLY B 181 -26.30 -17.33 18.91
N ASP B 182 -27.44 -16.63 18.72
CA ASP B 182 -28.77 -17.11 19.12
C ASP B 182 -29.26 -18.40 18.44
N GLY B 183 -29.01 -18.55 17.14
CA GLY B 183 -29.44 -19.75 16.41
C GLY B 183 -28.77 -21.01 16.92
N VAL B 184 -27.46 -20.91 17.24
CA VAL B 184 -26.73 -22.09 17.74
C VAL B 184 -27.21 -22.40 19.18
N GLU B 185 -27.33 -21.34 20.00
CA GLU B 185 -27.77 -21.48 21.39
C GLU B 185 -29.16 -22.14 21.45
N GLU B 186 -30.09 -21.64 20.63
CA GLU B 186 -31.46 -22.14 20.54
C GLU B 186 -31.52 -23.62 20.17
N ALA B 187 -30.78 -24.04 19.13
CA ALA B 187 -30.76 -25.43 18.67
C ALA B 187 -30.37 -26.40 19.79
N PHE B 188 -29.41 -26.01 20.68
CA PHE B 188 -28.90 -26.86 21.75
C PHE B 188 -29.24 -26.42 23.16
N TYR B 189 -30.24 -25.53 23.28
CA TYR B 189 -30.63 -24.95 24.56
C TYR B 189 -31.05 -25.95 25.63
N THR B 190 -31.63 -27.09 25.23
CA THR B 190 -32.14 -28.12 26.16
C THR B 190 -31.23 -29.38 26.22
N THR B 191 -30.00 -29.30 25.72
CA THR B 191 -29.08 -30.45 25.80
C THR B 191 -27.78 -30.09 26.48
N ASP B 192 -27.19 -31.07 27.19
CA ASP B 192 -25.90 -30.95 27.86
C ASP B 192 -24.79 -31.49 26.94
N ARG B 193 -25.16 -31.96 25.75
CA ARG B 193 -24.22 -32.51 24.78
C ARG B 193 -23.48 -31.44 23.98
N VAL B 194 -23.96 -30.21 24.07
CA VAL B 194 -23.31 -29.04 23.45
C VAL B 194 -23.40 -27.91 24.46
N MET B 195 -22.25 -27.32 24.80
CA MET B 195 -22.21 -26.16 25.65
C MET B 195 -21.95 -25.02 24.66
N THR B 196 -22.75 -23.97 24.71
CA THR B 196 -22.58 -22.82 23.82
C THR B 196 -22.08 -21.67 24.66
N VAL B 197 -20.98 -21.02 24.22
CA VAL B 197 -20.39 -19.92 24.94
C VAL B 197 -20.34 -18.73 23.96
N SER B 198 -21.08 -17.64 24.25
CA SER B 198 -21.04 -16.46 23.38
C SER B 198 -20.56 -15.23 24.15
N PHE B 199 -19.67 -14.43 23.53
CA PHE B 199 -19.20 -13.14 24.07
C PHE B 199 -19.82 -12.21 23.04
N HIS B 200 -20.58 -11.20 23.47
CA HIS B 200 -21.24 -10.33 22.47
C HIS B 200 -21.65 -9.01 23.09
N LYS B 201 -21.96 -8.04 22.22
CA LYS B 201 -22.50 -6.76 22.68
C LYS B 201 -23.96 -7.07 23.04
N TYR B 202 -24.41 -6.56 24.17
CA TYR B 202 -25.77 -6.77 24.64
C TYR B 202 -26.34 -5.41 25.14
N GLY B 203 -27.58 -5.13 24.77
CA GLY B 203 -28.30 -3.90 25.10
C GLY B 203 -28.67 -3.15 23.83
N GLU B 204 -29.97 -3.20 23.45
CA GLU B 204 -30.48 -2.51 22.24
C GLU B 204 -29.60 -2.83 21.03
N TYR B 205 -29.29 -4.12 20.83
CA TYR B 205 -28.40 -4.56 19.76
C TYR B 205 -28.90 -5.88 19.23
N PHE B 206 -28.78 -6.07 17.93
CA PHE B 206 -29.22 -7.31 17.29
C PHE B 206 -28.43 -8.53 17.85
N PRO B 207 -29.09 -9.70 18.09
CA PRO B 207 -30.51 -10.01 17.90
C PRO B 207 -31.41 -9.74 19.12
N GLY B 208 -30.86 -9.17 20.18
CA GLY B 208 -31.60 -8.83 21.41
C GLY B 208 -31.61 -9.90 22.47
N THR B 209 -30.91 -11.03 22.21
CA THR B 209 -30.82 -12.19 23.12
C THR B 209 -29.40 -12.29 23.71
N GLY B 210 -29.14 -13.33 24.46
CA GLY B 210 -27.83 -13.53 25.06
C GLY B 210 -27.66 -12.83 26.38
N ASP B 211 -28.75 -12.80 27.16
CA ASP B 211 -28.64 -12.19 28.49
C ASP B 211 -27.81 -13.15 29.36
N LEU B 212 -27.08 -12.61 30.34
CA LEU B 212 -26.26 -13.34 31.32
C LEU B 212 -27.11 -14.45 31.99
N ARG B 213 -28.41 -14.18 32.17
CA ARG B 213 -29.36 -15.09 32.83
C ARG B 213 -29.94 -16.18 31.95
N ASP B 214 -29.61 -16.17 30.64
CA ASP B 214 -30.05 -17.23 29.71
C ASP B 214 -28.98 -18.31 29.86
N ILE B 215 -29.23 -19.30 30.71
CA ILE B 215 -28.24 -20.36 31.01
C ILE B 215 -28.59 -21.76 30.49
N GLY B 216 -29.66 -21.88 29.73
CA GLY B 216 -30.07 -23.20 29.23
C GLY B 216 -31.35 -23.63 29.95
N ALA B 217 -31.97 -24.71 29.49
CA ALA B 217 -33.22 -25.23 30.11
C ALA B 217 -33.22 -26.76 30.13
N GLY B 218 -33.93 -27.34 31.11
CA GLY B 218 -34.04 -28.79 31.27
C GLY B 218 -32.69 -29.43 31.46
N LYS B 219 -32.36 -30.46 30.65
CA LYS B 219 -31.04 -31.12 30.76
C LYS B 219 -29.93 -30.13 30.36
N GLY B 220 -30.28 -29.11 29.57
CA GLY B 220 -29.33 -28.08 29.12
C GLY B 220 -29.08 -26.96 30.12
N LYS B 221 -29.72 -27.00 31.32
CA LYS B 221 -29.50 -25.94 32.33
C LYS B 221 -28.04 -25.92 32.71
N TYR B 222 -27.41 -24.71 32.61
CA TYR B 222 -25.97 -24.44 32.88
C TYR B 222 -25.04 -24.79 31.68
N TYR B 223 -25.61 -25.17 30.53
CA TYR B 223 -24.84 -25.53 29.33
C TYR B 223 -24.93 -24.47 28.24
N ALA B 224 -25.41 -23.27 28.59
CA ALA B 224 -25.45 -22.10 27.70
C ALA B 224 -24.81 -21.01 28.54
N VAL B 225 -23.78 -20.38 27.99
CA VAL B 225 -22.98 -19.37 28.67
C VAL B 225 -23.00 -18.11 27.82
N ASN B 226 -23.42 -17.00 28.43
CA ASN B 226 -23.47 -15.71 27.73
C ASN B 226 -22.71 -14.63 28.47
N PHE B 227 -21.74 -13.99 27.80
CA PHE B 227 -20.99 -12.90 28.39
C PHE B 227 -21.39 -11.57 27.69
N PRO B 228 -22.37 -10.83 28.26
CA PRO B 228 -22.78 -9.55 27.63
C PRO B 228 -21.75 -8.44 27.88
N MET B 229 -21.43 -7.69 26.83
N MET B 229 -21.38 -7.73 26.81
CA MET B 229 -20.47 -6.59 26.94
CA MET B 229 -20.37 -6.66 26.80
C MET B 229 -21.04 -5.29 26.46
C MET B 229 -20.93 -5.32 26.29
N ARG B 230 -20.29 -4.20 26.68
CA ARG B 230 -20.67 -2.87 26.26
C ARG B 230 -19.69 -2.46 25.17
N ASP B 231 -19.94 -1.32 24.54
CA ASP B 231 -19.09 -0.75 23.50
C ASP B 231 -17.69 -0.52 23.98
N GLY B 232 -16.76 -0.61 23.02
CA GLY B 232 -15.37 -0.27 23.22
C GLY B 232 -14.42 -1.23 23.90
N ILE B 233 -14.84 -2.50 24.08
N ILE B 233 -14.85 -2.49 24.09
CA ILE B 233 -13.93 -3.47 24.70
CA ILE B 233 -13.94 -3.47 24.72
C ILE B 233 -12.63 -3.52 23.88
C ILE B 233 -12.63 -3.53 23.88
N ASP B 234 -11.48 -3.59 24.58
CA ASP B 234 -10.18 -3.61 23.93
C ASP B 234 -9.51 -4.96 24.13
N ASP B 235 -8.35 -5.17 23.49
CA ASP B 235 -7.62 -6.42 23.57
C ASP B 235 -7.33 -6.89 24.98
N GLU B 236 -6.78 -5.98 25.82
CA GLU B 236 -6.40 -6.29 27.21
C GLU B 236 -7.61 -6.80 28.00
N SER B 237 -8.74 -6.07 27.95
CA SER B 237 -9.99 -6.41 28.66
C SER B 237 -10.62 -7.74 28.17
N TYR B 238 -10.71 -7.90 26.85
CA TYR B 238 -11.29 -9.10 26.26
C TYR B 238 -10.43 -10.31 26.61
N GLY B 239 -9.10 -10.15 26.51
CA GLY B 239 -8.14 -11.22 26.81
C GLY B 239 -8.22 -11.69 28.25
N GLN B 240 -8.35 -10.74 29.20
CA GLN B 240 -8.45 -10.99 30.65
C GLN B 240 -9.75 -11.71 31.00
N ILE B 241 -10.73 -11.71 30.10
CA ILE B 241 -12.00 -12.39 30.35
C ILE B 241 -12.07 -13.71 29.58
N PHE B 242 -11.57 -13.74 28.34
CA PHE B 242 -11.66 -14.95 27.51
C PHE B 242 -10.88 -16.13 28.06
N LYS B 243 -9.58 -15.93 28.36
CA LYS B 243 -8.73 -17.02 28.84
C LYS B 243 -9.28 -17.68 30.11
N PRO B 244 -9.63 -16.94 31.19
CA PRO B 244 -10.18 -17.61 32.39
C PRO B 244 -11.54 -18.28 32.18
N ILE B 245 -12.44 -17.68 31.38
CA ILE B 245 -13.75 -18.28 31.12
C ILE B 245 -13.61 -19.61 30.36
N ILE B 246 -12.88 -19.59 29.25
CA ILE B 246 -12.66 -20.78 28.44
C ILE B 246 -11.88 -21.86 29.23
N SER B 247 -10.85 -21.47 30.01
CA SER B 247 -10.11 -22.46 30.83
C SER B 247 -11.05 -23.17 31.83
N LYS B 248 -11.96 -22.41 32.48
CA LYS B 248 -12.95 -22.95 33.43
C LYS B 248 -13.95 -23.86 32.70
N VAL B 249 -14.44 -23.41 31.54
CA VAL B 249 -15.36 -24.24 30.75
C VAL B 249 -14.64 -25.55 30.38
N MET B 250 -13.36 -25.47 29.96
CA MET B 250 -12.61 -26.69 29.59
C MET B 250 -12.49 -27.65 30.78
N GLU B 251 -12.15 -27.12 31.96
CA GLU B 251 -11.98 -27.89 33.19
C GLU B 251 -13.29 -28.56 33.63
N MET B 252 -14.39 -27.82 33.64
CA MET B 252 -15.69 -28.32 34.07
C MET B 252 -16.42 -29.19 33.05
N TYR B 253 -16.48 -28.74 31.79
CA TYR B 253 -17.20 -29.42 30.74
C TYR B 253 -16.46 -30.56 30.06
N GLN B 254 -15.13 -30.48 29.94
CA GLN B 254 -14.28 -31.50 29.31
C GLN B 254 -14.84 -31.92 27.95
N PRO B 255 -14.91 -30.98 26.99
CA PRO B 255 -15.42 -31.35 25.66
C PRO B 255 -14.37 -32.17 24.89
N SER B 256 -14.79 -32.89 23.88
CA SER B 256 -13.81 -33.65 23.09
C SER B 256 -13.63 -33.03 21.68
N ALA B 257 -14.40 -31.96 21.38
CA ALA B 257 -14.31 -31.25 20.09
C ALA B 257 -14.72 -29.82 20.32
N VAL B 258 -14.18 -28.89 19.52
CA VAL B 258 -14.51 -27.47 19.70
C VAL B 258 -14.89 -26.84 18.37
N VAL B 259 -15.92 -25.98 18.37
CA VAL B 259 -16.31 -25.22 17.16
C VAL B 259 -16.10 -23.75 17.58
N LEU B 260 -15.29 -23.02 16.81
CA LEU B 260 -15.00 -21.65 17.14
C LEU B 260 -15.46 -20.74 16.01
N GLN B 261 -16.50 -19.94 16.29
CA GLN B 261 -17.06 -18.98 15.32
C GLN B 261 -16.21 -17.69 15.51
N CYS B 262 -15.47 -17.29 14.45
CA CYS B 262 -14.55 -16.14 14.47
C CYS B 262 -15.08 -14.86 13.79
N GLY B 263 -16.34 -14.49 14.01
CA GLY B 263 -16.88 -13.27 13.42
C GLY B 263 -15.95 -12.11 13.69
N ALA B 264 -15.51 -11.44 12.61
CA ALA B 264 -14.54 -10.33 12.62
C ALA B 264 -15.20 -8.98 12.86
N ASP B 265 -16.52 -8.94 13.14
CA ASP B 265 -17.19 -7.67 13.42
C ASP B 265 -16.94 -7.18 14.87
N SER B 266 -16.12 -7.91 15.65
CA SER B 266 -15.73 -7.52 17.01
C SER B 266 -14.43 -6.69 16.91
N LEU B 267 -13.95 -6.44 15.65
CA LEU B 267 -12.76 -5.63 15.46
C LEU B 267 -13.08 -4.16 15.50
N SER B 268 -12.10 -3.37 15.91
CA SER B 268 -12.16 -1.91 15.88
C SER B 268 -12.46 -1.43 14.45
N GLY B 269 -13.37 -0.48 14.31
CA GLY B 269 -13.69 0.14 13.01
C GLY B 269 -14.68 -0.63 12.18
N ASP B 270 -15.34 -1.65 12.76
CA ASP B 270 -16.31 -2.43 11.99
C ASP B 270 -17.50 -1.53 11.64
N ARG B 271 -18.04 -1.69 10.46
CA ARG B 271 -19.20 -0.91 10.03
C ARG B 271 -20.43 -1.09 10.92
N LEU B 272 -20.68 -2.33 11.42
N LEU B 272 -20.69 -2.34 11.40
CA LEU B 272 -21.85 -2.57 12.28
CA LEU B 272 -21.84 -2.68 12.24
C LEU B 272 -21.48 -2.69 13.76
C LEU B 272 -21.52 -2.81 13.73
N GLY B 273 -20.26 -3.16 14.04
CA GLY B 273 -19.77 -3.38 15.39
C GLY B 273 -19.31 -2.12 16.12
N CYS B 274 -19.24 -2.23 17.43
CA CYS B 274 -18.87 -1.14 18.31
C CYS B 274 -17.79 -1.55 19.34
N PHE B 275 -16.98 -2.59 19.00
CA PHE B 275 -15.88 -3.04 19.85
C PHE B 275 -14.57 -2.39 19.37
N ASN B 276 -13.50 -2.56 20.12
CA ASN B 276 -12.21 -1.95 19.79
C ASN B 276 -11.05 -2.95 19.82
N LEU B 277 -11.28 -4.20 19.33
CA LEU B 277 -10.23 -5.22 19.27
C LEU B 277 -9.34 -5.00 18.04
N THR B 278 -8.08 -5.43 18.14
CA THR B 278 -7.20 -5.39 16.98
C THR B 278 -7.20 -6.84 16.46
N VAL B 279 -6.52 -7.09 15.35
CA VAL B 279 -6.41 -8.45 14.81
C VAL B 279 -5.70 -9.35 15.84
N LYS B 280 -4.69 -8.81 16.54
CA LYS B 280 -3.99 -9.60 17.54
C LYS B 280 -4.88 -9.99 18.73
N GLY B 281 -5.74 -9.09 19.19
CA GLY B 281 -6.63 -9.36 20.32
C GLY B 281 -7.67 -10.40 19.96
N HIS B 282 -8.16 -10.32 18.74
CA HIS B 282 -9.15 -11.27 18.24
C HIS B 282 -8.48 -12.65 18.05
N ALA B 283 -7.29 -12.72 17.41
CA ALA B 283 -6.57 -13.99 17.17
C ALA B 283 -6.01 -14.66 18.45
N LYS B 284 -5.87 -13.89 19.53
CA LYS B 284 -5.44 -14.41 20.82
C LYS B 284 -6.49 -15.47 21.26
N CYS B 285 -7.76 -15.31 20.86
CA CYS B 285 -8.83 -16.30 21.16
C CYS B 285 -8.51 -17.63 20.52
N VAL B 286 -8.04 -17.61 19.26
CA VAL B 286 -7.67 -18.83 18.52
C VAL B 286 -6.48 -19.47 19.25
N GLU B 287 -5.45 -18.66 19.60
CA GLU B 287 -4.27 -19.16 20.32
C GLU B 287 -4.69 -19.88 21.60
N VAL B 288 -5.55 -19.26 22.42
CA VAL B 288 -6.05 -19.85 23.66
C VAL B 288 -6.78 -21.18 23.42
N VAL B 289 -7.73 -21.22 22.48
CA VAL B 289 -8.46 -22.46 22.20
C VAL B 289 -7.50 -23.59 21.78
N LYS B 290 -6.52 -23.26 20.93
CA LYS B 290 -5.53 -24.24 20.46
C LYS B 290 -4.72 -24.92 21.58
N THR B 291 -4.39 -24.21 22.69
CA THR B 291 -3.62 -24.78 23.80
C THR B 291 -4.30 -26.02 24.41
N PHE B 292 -5.61 -26.21 24.20
CA PHE B 292 -6.33 -27.37 24.76
C PHE B 292 -6.16 -28.65 23.92
N ASN B 293 -5.50 -28.54 22.75
CA ASN B 293 -5.18 -29.65 21.83
C ASN B 293 -6.36 -30.53 21.51
N LEU B 294 -7.50 -29.91 21.21
CA LEU B 294 -8.71 -30.66 20.86
C LEU B 294 -9.04 -30.46 19.39
N PRO B 295 -9.70 -31.46 18.70
CA PRO B 295 -10.14 -31.25 17.30
C PRO B 295 -10.90 -29.92 17.26
N LEU B 296 -10.56 -29.07 16.28
CA LEU B 296 -11.13 -27.74 16.20
C LEU B 296 -11.64 -27.36 14.82
N LEU B 297 -12.90 -26.87 14.77
CA LEU B 297 -13.49 -26.38 13.53
C LEU B 297 -13.56 -24.85 13.68
N MET B 298 -12.86 -24.13 12.81
CA MET B 298 -12.82 -22.67 12.86
C MET B 298 -13.67 -22.13 11.73
N LEU B 299 -14.65 -21.29 12.07
CA LEU B 299 -15.59 -20.74 11.10
C LEU B 299 -15.58 -19.22 11.05
N GLY B 300 -16.09 -18.66 9.95
CA GLY B 300 -16.21 -17.22 9.77
C GLY B 300 -17.43 -16.69 10.53
N GLY B 301 -18.08 -15.71 9.94
CA GLY B 301 -19.24 -15.09 10.55
C GLY B 301 -19.31 -13.66 10.08
N GLY B 302 -19.58 -12.74 10.98
CA GLY B 302 -19.67 -11.33 10.62
C GLY B 302 -18.34 -10.69 10.31
N GLY B 303 -18.37 -9.41 9.98
CA GLY B 303 -17.18 -8.63 9.60
C GLY B 303 -17.60 -7.83 8.39
N TYR B 304 -17.73 -6.52 8.60
CA TYR B 304 -18.30 -5.59 7.64
C TYR B 304 -17.39 -4.42 7.21
N THR B 305 -16.10 -4.32 7.69
CA THR B 305 -15.05 -3.37 7.18
C THR B 305 -14.15 -4.41 6.52
N ILE B 306 -14.46 -4.76 5.28
CA ILE B 306 -13.91 -5.94 4.61
C ILE B 306 -12.37 -6.00 4.56
N ARG B 307 -11.64 -4.89 4.44
CA ARG B 307 -10.17 -5.02 4.46
C ARG B 307 -9.72 -5.61 5.83
N ASN B 308 -10.42 -5.27 6.92
CA ASN B 308 -10.08 -5.78 8.25
C ASN B 308 -10.44 -7.23 8.46
N VAL B 309 -11.48 -7.71 7.77
CA VAL B 309 -11.93 -9.12 7.82
C VAL B 309 -10.85 -9.94 7.13
N ALA B 310 -10.40 -9.51 5.94
CA ALA B 310 -9.33 -10.24 5.23
C ALA B 310 -8.06 -10.33 6.09
N ARG B 311 -7.68 -9.24 6.76
CA ARG B 311 -6.49 -9.25 7.62
C ARG B 311 -6.70 -10.25 8.79
N CYS B 312 -7.85 -10.17 9.44
CA CYS B 312 -8.18 -11.00 10.61
C CYS B 312 -8.12 -12.48 10.31
N TRP B 313 -8.85 -12.89 9.27
CA TRP B 313 -8.92 -14.32 8.91
C TRP B 313 -7.63 -14.83 8.30
N THR B 314 -6.87 -13.98 7.65
CA THR B 314 -5.55 -14.40 7.14
C THR B 314 -4.64 -14.67 8.36
N TYR B 315 -4.63 -13.74 9.32
CA TYR B 315 -3.77 -13.90 10.49
C TYR B 315 -4.19 -15.14 11.30
N GLU B 316 -5.51 -15.36 11.45
CA GLU B 316 -6.02 -16.53 12.20
C GLU B 316 -5.70 -17.84 11.54
N THR B 317 -5.64 -17.85 10.19
CA THR B 317 -5.23 -19.07 9.46
C THR B 317 -3.73 -19.31 9.77
N ALA B 318 -2.89 -18.24 9.78
CA ALA B 318 -1.45 -18.35 10.13
C ALA B 318 -1.32 -18.90 11.56
N VAL B 319 -2.18 -18.40 12.49
CA VAL B 319 -2.20 -18.86 13.89
C VAL B 319 -2.51 -20.36 13.92
N ALA B 320 -3.53 -20.82 13.16
CA ALA B 320 -3.91 -22.23 13.08
C ALA B 320 -2.73 -23.11 12.60
N LEU B 321 -1.94 -22.56 11.69
CA LEU B 321 -0.75 -23.21 11.10
C LEU B 321 0.51 -23.08 11.96
N ASP B 322 0.43 -22.38 13.12
CA ASP B 322 1.61 -22.16 13.99
C ASP B 322 2.70 -21.43 13.22
N CYS B 323 2.30 -20.44 12.42
N CYS B 323 2.29 -20.43 12.44
CA CYS B 323 3.13 -19.66 11.53
CA CYS B 323 3.14 -19.60 11.62
C CYS B 323 2.95 -18.15 11.78
C CYS B 323 2.99 -18.16 12.01
N GLU B 324 4.05 -17.41 11.85
CA GLU B 324 4.02 -15.99 12.03
C GLU B 324 4.17 -15.51 10.58
N ILE B 325 3.54 -14.41 10.29
CA ILE B 325 3.62 -13.82 8.94
C ILE B 325 4.00 -12.35 9.10
N PRO B 326 4.74 -11.77 8.13
CA PRO B 326 5.13 -10.36 8.30
C PRO B 326 3.96 -9.37 8.32
N ASN B 327 4.16 -8.25 8.99
CA ASN B 327 3.16 -7.17 9.06
C ASN B 327 3.05 -6.50 7.68
N GLU B 328 4.13 -6.51 6.90
CA GLU B 328 4.18 -5.94 5.55
C GLU B 328 3.28 -6.83 4.65
N LEU B 329 2.17 -6.29 4.16
CA LEU B 329 1.32 -7.13 3.32
C LEU B 329 2.01 -7.44 1.99
N PRO B 330 1.92 -8.69 1.49
CA PRO B 330 2.49 -8.97 0.18
C PRO B 330 1.56 -8.36 -0.87
N TYR B 331 2.09 -8.16 -2.06
CA TYR B 331 1.25 -7.68 -3.14
C TYR B 331 0.17 -8.73 -3.38
N ASN B 332 -1.04 -8.30 -3.75
CA ASN B 332 -2.16 -9.21 -3.95
C ASN B 332 -3.21 -8.55 -4.84
N ASP B 333 -4.21 -9.32 -5.30
CA ASP B 333 -5.26 -8.81 -6.21
C ASP B 333 -6.06 -7.60 -5.69
N TYR B 334 -6.07 -7.36 -4.37
CA TYR B 334 -6.83 -6.28 -3.74
C TYR B 334 -5.93 -5.40 -2.93
N PHE B 335 -4.66 -5.28 -3.35
CA PHE B 335 -3.68 -4.52 -2.57
C PHE B 335 -4.14 -3.11 -2.18
N GLU B 336 -4.78 -2.37 -3.14
CA GLU B 336 -5.29 -1.01 -2.89
C GLU B 336 -6.36 -0.93 -1.77
N TYR B 337 -7.06 -2.04 -1.45
CA TYR B 337 -8.07 -2.02 -0.37
C TYR B 337 -7.44 -1.83 1.00
N PHE B 338 -6.13 -2.12 1.12
CA PHE B 338 -5.41 -2.10 2.38
C PHE B 338 -4.65 -0.82 2.70
N GLY B 339 -4.89 0.22 1.90
CA GLY B 339 -4.30 1.52 2.19
C GLY B 339 -4.96 2.14 3.43
N PRO B 340 -4.36 3.19 4.02
CA PRO B 340 -3.12 3.88 3.58
C PRO B 340 -1.80 3.22 3.97
N ASP B 341 -1.85 2.28 4.92
CA ASP B 341 -0.68 1.63 5.52
C ASP B 341 -0.17 0.33 4.86
N PHE B 342 -1.06 -0.46 4.25
CA PHE B 342 -0.68 -1.75 3.62
C PHE B 342 -0.01 -2.70 4.62
N LYS B 343 -0.50 -2.64 5.89
CA LYS B 343 -0.01 -3.51 6.96
C LYS B 343 -1.08 -4.54 7.30
N LEU B 344 -0.67 -5.68 7.86
CA LEU B 344 -1.62 -6.71 8.25
C LEU B 344 -2.35 -6.30 9.54
N HIS B 345 -1.62 -5.78 10.53
CA HIS B 345 -2.17 -5.49 11.83
C HIS B 345 -2.77 -4.10 11.90
N ILE B 346 -3.79 -3.95 12.76
CA ILE B 346 -4.52 -2.68 12.88
C ILE B 346 -4.34 -2.09 14.26
N SER B 347 -4.53 -0.79 14.37
CA SER B 347 -4.42 -0.12 15.64
C SER B 347 -5.81 0.10 16.22
N PRO B 348 -5.97 0.12 17.55
CA PRO B 348 -7.29 0.40 18.11
C PRO B 348 -7.62 1.91 17.96
N SER B 349 -8.88 2.27 18.19
CA SER B 349 -9.28 3.67 18.11
C SER B 349 -9.21 4.28 19.49
N ASN B 350 -9.55 5.59 19.60
CA ASN B 350 -9.58 6.31 20.87
C ASN B 350 -10.94 6.16 21.57
N MET B 351 -11.85 5.30 21.04
CA MET B 351 -13.17 5.09 21.63
C MET B 351 -13.08 4.63 23.08
N THR B 352 -13.99 5.14 23.92
CA THR B 352 -14.00 4.79 25.34
C THR B 352 -14.40 3.33 25.52
N ASN B 353 -13.71 2.63 26.43
CA ASN B 353 -14.06 1.27 26.79
C ASN B 353 -15.12 1.36 27.91
N GLN B 354 -16.39 1.09 27.58
CA GLN B 354 -17.49 1.17 28.56
C GLN B 354 -17.53 -0.02 29.55
N ASN B 355 -16.69 -1.04 29.33
CA ASN B 355 -16.58 -2.21 30.17
C ASN B 355 -15.56 -1.90 31.22
N THR B 356 -16.02 -1.43 32.37
CA THR B 356 -15.11 -1.11 33.46
C THR B 356 -14.48 -2.39 34.02
N PRO B 357 -13.27 -2.31 34.65
CA PRO B 357 -12.67 -3.53 35.23
C PRO B 357 -13.62 -4.23 36.20
N GLU B 358 -14.39 -3.45 37.01
CA GLU B 358 -15.31 -4.05 37.98
C GLU B 358 -16.48 -4.74 37.30
N TYR B 359 -16.99 -4.17 36.20
CA TYR B 359 -18.09 -4.79 35.44
C TYR B 359 -17.63 -6.15 34.90
N MET B 360 -16.43 -6.20 34.30
N MET B 360 -16.43 -6.21 34.32
CA MET B 360 -15.87 -7.43 33.72
CA MET B 360 -15.88 -7.43 33.75
C MET B 360 -15.67 -8.54 34.74
C MET B 360 -15.69 -8.54 34.75
N GLU B 361 -15.15 -8.21 35.93
CA GLU B 361 -14.92 -9.19 37.00
C GLU B 361 -16.22 -9.65 37.63
N LYS B 362 -17.18 -8.76 37.77
CA LYS B 362 -18.48 -9.12 38.34
C LYS B 362 -19.20 -10.12 37.46
N ILE B 363 -19.24 -9.87 36.13
CA ILE B 363 -19.89 -10.79 35.20
C ILE B 363 -19.14 -12.13 35.20
N LYS B 364 -17.81 -12.08 35.16
CA LYS B 364 -16.95 -13.27 35.17
C LYS B 364 -17.23 -14.12 36.43
N GLN B 365 -17.42 -13.45 37.58
CA GLN B 365 -17.71 -14.13 38.84
C GLN B 365 -19.05 -14.83 38.79
N ARG B 366 -20.06 -14.18 38.21
CA ARG B 366 -21.39 -14.75 38.05
C ARG B 366 -21.32 -15.96 37.10
N LEU B 367 -20.54 -15.88 35.99
CA LEU B 367 -20.39 -17.04 35.08
C LEU B 367 -19.64 -18.19 35.75
N PHE B 368 -18.63 -17.87 36.58
N PHE B 368 -18.62 -17.88 36.57
CA PHE B 368 -17.86 -18.88 37.31
CA PHE B 368 -17.85 -18.90 37.30
C PHE B 368 -18.78 -19.65 38.26
C PHE B 368 -18.76 -19.65 38.27
N GLU B 369 -19.76 -18.95 38.87
CA GLU B 369 -20.75 -19.54 39.80
C GLU B 369 -21.61 -20.56 39.06
N ASN B 370 -22.07 -20.20 37.84
CA ASN B 370 -22.85 -21.11 36.99
C ASN B 370 -22.02 -22.31 36.53
N LEU B 371 -20.74 -22.11 36.20
CA LEU B 371 -19.88 -23.19 35.75
C LEU B 371 -19.61 -24.19 36.86
N ARG B 372 -19.59 -23.71 38.12
CA ARG B 372 -19.37 -24.58 39.29
C ARG B 372 -20.57 -25.49 39.53
N MET B 373 -21.74 -25.17 38.93
CA MET B 373 -22.97 -25.93 39.04
C MET B 373 -22.96 -27.21 38.19
N LEU B 374 -21.96 -27.39 37.29
CA LEU B 374 -21.85 -28.60 36.45
C LEU B 374 -21.53 -29.83 37.31
N LYS C 9 2.73 27.40 34.04
CA LYS C 9 1.71 26.47 34.49
C LYS C 9 1.55 25.23 33.60
N LYS C 10 2.26 25.21 32.44
CA LYS C 10 2.20 24.09 31.51
C LYS C 10 3.11 22.95 31.99
N LYS C 11 2.59 21.72 31.96
CA LYS C 11 3.30 20.51 32.38
C LYS C 11 4.25 20.03 31.28
N VAL C 12 5.49 19.72 31.66
CA VAL C 12 6.53 19.25 30.73
C VAL C 12 7.06 17.88 31.19
N CYS C 13 6.94 16.87 30.33
CA CYS C 13 7.47 15.53 30.58
C CYS C 13 8.67 15.38 29.66
N TYR C 14 9.79 14.89 30.21
CA TYR C 14 11.07 14.78 29.51
C TYR C 14 11.54 13.34 29.52
N TYR C 15 11.99 12.84 28.35
CA TYR C 15 12.42 11.45 28.16
C TYR C 15 13.90 11.33 27.96
N TYR C 16 14.54 10.54 28.84
CA TYR C 16 15.97 10.32 28.78
C TYR C 16 16.34 8.97 29.35
N ASP C 17 17.26 8.30 28.71
CA ASP C 17 17.80 7.02 29.17
C ASP C 17 19.29 7.21 29.26
N GLY C 18 19.84 6.97 30.45
CA GLY C 18 21.26 7.10 30.77
C GLY C 18 22.25 6.38 29.87
N ASP C 19 21.80 5.35 29.14
CA ASP C 19 22.69 4.62 28.24
C ASP C 19 22.86 5.27 26.86
N ILE C 20 21.94 6.18 26.47
CA ILE C 20 21.95 6.85 25.16
C ILE C 20 23.32 7.44 24.78
N GLY C 21 24.00 8.08 25.73
CA GLY C 21 25.30 8.70 25.51
C GLY C 21 26.46 7.76 25.23
N ASN C 22 26.23 6.43 25.40
CA ASN C 22 27.27 5.40 25.19
C ASN C 22 27.34 4.82 23.77
N TYR C 23 26.32 5.07 22.94
CA TYR C 23 26.31 4.55 21.57
C TYR C 23 27.29 5.35 20.73
N TYR C 24 28.11 4.64 19.96
CA TYR C 24 29.17 5.26 19.18
C TYR C 24 29.06 4.96 17.73
N TYR C 25 28.92 6.00 16.89
CA TYR C 25 28.80 5.81 15.43
C TYR C 25 30.08 5.38 14.73
N GLY C 26 31.22 5.57 15.38
CA GLY C 26 32.53 5.22 14.80
C GLY C 26 33.41 6.44 14.69
N GLN C 27 34.75 6.22 14.61
CA GLN C 27 35.74 7.30 14.52
C GLN C 27 35.50 8.23 13.33
N GLY C 28 35.47 9.53 13.59
CA GLY C 28 35.27 10.55 12.57
C GLY C 28 33.83 10.88 12.23
N HIS C 29 32.86 9.97 12.54
CA HIS C 29 31.46 10.22 12.21
C HIS C 29 30.91 11.43 13.00
N PRO C 30 30.26 12.41 12.33
CA PRO C 30 29.74 13.59 13.05
C PRO C 30 28.63 13.34 14.08
N MET C 31 27.82 12.29 13.90
CA MET C 31 26.72 12.00 14.82
C MET C 31 27.27 11.49 16.14
N LYS C 32 27.06 12.25 17.20
CA LYS C 32 27.58 11.90 18.52
C LYS C 32 26.49 11.80 19.59
N PRO C 33 25.93 10.60 19.87
CA PRO C 33 24.88 10.48 20.90
C PRO C 33 25.30 11.06 22.27
N HIS C 34 26.61 11.15 22.56
CA HIS C 34 27.14 11.77 23.79
C HIS C 34 26.58 13.19 23.99
N ARG C 35 26.25 13.90 22.88
CA ARG C 35 25.66 15.25 22.96
C ARG C 35 24.33 15.27 23.78
N ILE C 36 23.57 14.12 23.82
N ILE C 36 23.57 14.14 23.80
CA ILE C 36 22.31 14.02 24.57
CA ILE C 36 22.31 14.05 24.56
C ILE C 36 22.62 14.04 26.07
C ILE C 36 22.62 14.04 26.07
N ARG C 37 23.69 13.32 26.48
CA ARG C 37 24.11 13.23 27.89
C ARG C 37 24.63 14.61 28.36
N MET C 38 25.36 15.31 27.47
CA MET C 38 25.89 16.65 27.71
C MET C 38 24.73 17.60 27.98
N THR C 39 23.68 17.52 27.15
CA THR C 39 22.46 18.33 27.25
C THR C 39 21.81 18.06 28.60
N HIS C 40 21.57 16.76 28.90
CA HIS C 40 20.94 16.31 30.14
C HIS C 40 21.68 16.84 31.37
N ASN C 41 23.02 16.67 31.39
CA ASN C 41 23.82 17.13 32.52
C ASN C 41 23.70 18.66 32.74
N LEU C 42 23.73 19.44 31.64
CA LEU C 42 23.60 20.90 31.72
C LEU C 42 22.24 21.28 32.29
N LEU C 43 21.17 20.61 31.80
CA LEU C 43 19.78 20.80 32.22
C LEU C 43 19.59 20.58 33.72
N LEU C 44 20.17 19.48 34.26
CA LEU C 44 20.08 19.15 35.68
C LEU C 44 20.82 20.20 36.51
N ASN C 45 22.00 20.65 36.03
CA ASN C 45 22.82 21.65 36.72
C ASN C 45 22.18 23.05 36.75
N TYR C 46 21.23 23.33 35.83
CA TYR C 46 20.50 24.60 35.81
C TYR C 46 19.32 24.47 36.77
N GLY C 47 19.04 23.24 37.20
CA GLY C 47 17.95 22.92 38.13
C GLY C 47 16.60 22.79 37.47
N LEU C 48 16.58 22.54 36.15
CA LEU C 48 15.34 22.41 35.37
C LEU C 48 14.59 21.09 35.66
N TYR C 49 15.28 20.10 36.29
CA TYR C 49 14.69 18.83 36.68
C TYR C 49 13.60 19.00 37.76
N ARG C 50 13.70 20.09 38.55
CA ARG C 50 12.77 20.41 39.64
C ARG C 50 11.40 20.85 39.11
N LYS C 51 11.37 21.37 37.86
CA LYS C 51 10.16 21.89 37.20
C LYS C 51 9.50 20.90 36.23
N MET C 52 10.14 19.76 35.92
CA MET C 52 9.58 18.81 34.96
C MET C 52 9.68 17.36 35.40
N GLU C 53 8.76 16.52 34.90
CA GLU C 53 8.75 15.09 35.18
C GLU C 53 9.74 14.42 34.23
N ILE C 54 10.75 13.73 34.76
CA ILE C 54 11.77 13.03 33.96
C ILE C 54 11.46 11.52 33.91
N TYR C 55 11.29 10.96 32.71
CA TYR C 55 10.97 9.56 32.50
C TYR C 55 12.02 8.81 31.70
N ARG C 56 12.27 7.55 32.10
CA ARG C 56 13.19 6.66 31.40
C ARG C 56 12.26 5.97 30.39
N PRO C 57 12.47 6.17 29.08
CA PRO C 57 11.56 5.54 28.10
C PRO C 57 11.74 4.04 27.98
N HIS C 58 10.66 3.33 27.68
CA HIS C 58 10.65 1.89 27.45
C HIS C 58 11.30 1.70 26.07
N LYS C 59 12.00 0.59 25.83
CA LYS C 59 12.58 0.34 24.52
C LYS C 59 11.41 -0.03 23.56
N ALA C 60 11.26 0.69 22.43
CA ALA C 60 10.20 0.37 21.45
C ALA C 60 10.47 -1.02 20.92
N THR C 61 9.43 -1.84 20.76
CA THR C 61 9.66 -3.19 20.24
C THR C 61 9.84 -3.14 18.72
N ALA C 62 10.42 -4.21 18.15
CA ALA C 62 10.59 -4.41 16.71
C ALA C 62 9.18 -4.43 16.08
N GLU C 63 8.20 -5.04 16.79
CA GLU C 63 6.80 -5.14 16.32
C GLU C 63 6.22 -3.73 16.14
N GLU C 64 6.45 -2.86 17.14
CA GLU C 64 6.01 -1.45 17.11
C GLU C 64 6.64 -0.77 15.89
N MET C 65 7.95 -1.02 15.63
CA MET C 65 8.63 -0.39 14.48
C MET C 65 8.02 -0.79 13.16
N THR C 66 7.46 -2.02 13.07
CA THR C 66 6.84 -2.50 11.82
C THR C 66 5.46 -1.87 11.55
N LYS C 67 4.98 -0.95 12.42
CA LYS C 67 3.74 -0.22 12.14
C LYS C 67 4.00 0.68 10.91
N TYR C 68 5.27 1.03 10.70
CA TYR C 68 5.68 1.84 9.56
C TYR C 68 6.74 1.13 8.72
N HIS C 69 7.84 0.71 9.35
CA HIS C 69 8.93 0.07 8.62
C HIS C 69 8.63 -1.34 8.15
N SER C 70 9.28 -1.78 7.09
CA SER C 70 9.05 -3.14 6.60
C SER C 70 9.70 -4.16 7.55
N ASP C 71 9.14 -5.38 7.60
CA ASP C 71 9.65 -6.48 8.44
C ASP C 71 11.07 -6.86 8.07
N GLU C 72 11.38 -6.97 6.77
CA GLU C 72 12.71 -7.34 6.30
C GLU C 72 13.75 -6.31 6.76
N TYR C 73 13.38 -5.01 6.72
CA TYR C 73 14.30 -3.94 7.14
C TYR C 73 14.56 -4.00 8.65
N ILE C 74 13.48 -4.14 9.45
CA ILE C 74 13.60 -4.22 10.91
C ILE C 74 14.36 -5.47 11.32
N LYS C 75 14.08 -6.60 10.64
CA LYS C 75 14.74 -7.89 10.90
C LYS C 75 16.25 -7.71 10.67
N PHE C 76 16.62 -7.00 9.56
CA PHE C 76 18.02 -6.69 9.25
C PHE C 76 18.65 -5.86 10.38
N LEU C 77 17.99 -4.75 10.80
CA LEU C 77 18.49 -3.88 11.89
C LEU C 77 18.74 -4.66 13.17
N ARG C 78 17.84 -5.64 13.49
CA ARG C 78 17.96 -6.49 14.69
C ARG C 78 19.11 -7.47 14.64
N SER C 79 19.46 -7.94 13.44
CA SER C 79 20.47 -8.97 13.15
C SER C 79 21.87 -8.51 12.79
N ILE C 80 21.99 -7.38 12.10
CA ILE C 80 23.28 -6.87 11.66
C ILE C 80 24.22 -6.56 12.84
N ARG C 81 25.48 -6.95 12.70
CA ARG C 81 26.50 -6.75 13.72
C ARG C 81 27.82 -6.39 13.02
N PRO C 82 28.73 -5.61 13.65
CA PRO C 82 30.01 -5.29 12.98
C PRO C 82 30.76 -6.53 12.48
N ASP C 83 30.64 -7.65 13.22
CA ASP C 83 31.29 -8.92 12.92
C ASP C 83 30.67 -9.76 11.80
N ASN C 84 29.39 -9.51 11.41
CA ASN C 84 28.75 -10.33 10.38
C ASN C 84 28.41 -9.60 9.07
N MET C 85 28.86 -8.34 8.91
CA MET C 85 28.59 -7.51 7.73
C MET C 85 28.82 -8.19 6.37
N SER C 86 29.88 -9.02 6.26
CA SER C 86 30.23 -9.79 5.05
C SER C 86 29.09 -10.73 4.61
N GLU C 87 28.33 -11.28 5.57
CA GLU C 87 27.19 -12.18 5.34
C GLU C 87 25.95 -11.40 4.87
N TYR C 88 25.93 -10.05 5.10
CA TYR C 88 24.79 -9.18 4.75
C TYR C 88 25.07 -8.11 3.69
N SER C 89 26.08 -8.31 2.81
CA SER C 89 26.43 -7.32 1.78
C SER C 89 25.24 -6.87 0.90
N LYS C 90 24.42 -7.80 0.40
CA LYS C 90 23.25 -7.46 -0.43
C LYS C 90 22.21 -6.63 0.32
N GLN C 91 21.88 -7.04 1.57
CA GLN C 91 20.92 -6.34 2.41
C GLN C 91 21.46 -4.96 2.82
N MET C 92 22.78 -4.83 3.01
CA MET C 92 23.40 -3.55 3.33
C MET C 92 23.20 -2.58 2.16
N GLN C 93 23.30 -3.08 0.90
CA GLN C 93 23.08 -2.27 -0.30
C GLN C 93 21.58 -1.94 -0.39
N ARG C 94 20.70 -2.93 -0.13
CA ARG C 94 19.25 -2.73 -0.20
C ARG C 94 18.75 -1.69 0.80
N PHE C 95 19.26 -1.75 2.03
CA PHE C 95 18.81 -0.90 3.12
C PHE C 95 19.67 0.34 3.36
N ASN C 96 20.67 0.59 2.50
CA ASN C 96 21.59 1.76 2.56
C ASN C 96 22.32 1.86 3.92
N VAL C 97 22.85 0.73 4.39
CA VAL C 97 23.57 0.71 5.66
C VAL C 97 25.06 0.40 5.39
N GLY C 98 25.95 1.10 6.12
CA GLY C 98 27.39 0.90 6.00
C GLY C 98 28.28 2.14 5.90
N GLU C 99 27.76 3.26 5.37
CA GLU C 99 28.54 4.50 5.17
C GLU C 99 28.07 5.65 6.05
N ASP C 100 27.03 6.41 5.62
CA ASP C 100 26.47 7.48 6.42
C ASP C 100 25.78 6.85 7.61
N CYS C 101 25.23 5.63 7.45
CA CYS C 101 24.52 4.91 8.50
C CYS C 101 25.29 3.63 8.80
N PRO C 102 26.35 3.74 9.63
CA PRO C 102 27.19 2.56 9.89
C PRO C 102 26.55 1.53 10.79
N VAL C 103 27.17 0.36 10.82
CA VAL C 103 26.78 -0.72 11.70
C VAL C 103 27.68 -0.48 12.92
N PHE C 104 27.05 -0.29 14.08
CA PHE C 104 27.80 -0.12 15.32
C PHE C 104 27.20 -1.00 16.40
N ASP C 105 27.97 -1.28 17.48
CA ASP C 105 27.51 -2.10 18.59
C ASP C 105 26.28 -1.48 19.25
N GLY C 106 25.23 -2.28 19.41
CA GLY C 106 24.00 -1.85 20.04
C GLY C 106 23.13 -0.96 19.17
N LEU C 107 23.37 -0.95 17.85
CA LEU C 107 22.61 -0.15 16.89
C LEU C 107 21.10 -0.29 17.11
N PHE C 108 20.62 -1.55 17.25
CA PHE C 108 19.19 -1.80 17.45
C PHE C 108 18.67 -1.22 18.74
N GLU C 109 19.42 -1.34 19.84
CA GLU C 109 18.99 -0.78 21.12
C GLU C 109 18.95 0.75 21.06
N PHE C 110 19.88 1.37 20.33
CA PHE C 110 19.90 2.84 20.16
C PHE C 110 18.57 3.27 19.50
N CYS C 111 18.14 2.56 18.43
CA CYS C 111 16.88 2.80 17.72
C CYS C 111 15.67 2.64 18.64
N GLN C 112 15.68 1.60 19.48
CA GLN C 112 14.58 1.31 20.42
C GLN C 112 14.42 2.41 21.46
N LEU C 113 15.54 2.99 21.93
CA LEU C 113 15.51 4.03 22.95
C LEU C 113 15.08 5.38 22.36
N SER C 114 15.66 5.72 21.19
CA SER C 114 15.37 6.93 20.42
C SER C 114 13.85 6.89 20.13
N THR C 115 13.35 5.79 19.53
CA THR C 115 11.92 5.61 19.21
C THR C 115 11.03 5.57 20.46
N GLY C 116 11.46 4.80 21.47
CA GLY C 116 10.73 4.63 22.72
C GLY C 116 10.33 5.95 23.34
N GLY C 117 11.28 6.90 23.35
CA GLY C 117 11.04 8.24 23.90
C GLY C 117 9.98 9.00 23.13
N SER C 118 10.04 8.96 21.79
CA SER C 118 9.08 9.69 20.96
C SER C 118 7.66 9.15 21.11
N VAL C 119 7.51 7.82 21.04
CA VAL C 119 6.22 7.17 21.17
C VAL C 119 5.63 7.38 22.59
N ALA C 120 6.49 7.26 23.66
CA ALA C 120 6.03 7.45 25.04
C ALA C 120 5.44 8.86 25.23
N GLY C 121 6.11 9.86 24.64
CA GLY C 121 5.69 11.26 24.66
C GLY C 121 4.33 11.42 23.99
N ALA C 122 4.17 10.81 22.78
CA ALA C 122 2.90 10.85 22.04
C ALA C 122 1.77 10.24 22.91
N VAL C 123 2.04 9.07 23.57
CA VAL C 123 1.08 8.39 24.45
C VAL C 123 0.71 9.35 25.61
N LYS C 124 1.72 10.00 26.22
CA LYS C 124 1.49 10.92 27.34
C LYS C 124 0.63 12.13 26.92
N LEU C 125 0.83 12.60 25.68
CA LEU C 125 0.05 13.72 25.13
C LEU C 125 -1.37 13.25 24.80
N ASN C 126 -1.50 12.06 24.22
CA ASN C 126 -2.82 11.49 23.88
C ASN C 126 -3.70 11.31 25.15
N ARG C 127 -3.09 10.82 26.23
CA ARG C 127 -3.74 10.56 27.52
C ARG C 127 -4.06 11.84 28.31
N GLN C 128 -3.63 13.03 27.80
CA GLN C 128 -3.84 14.35 28.42
C GLN C 128 -3.17 14.44 29.81
N GLN C 129 -2.02 13.76 29.94
CA GLN C 129 -1.23 13.70 31.16
C GLN C 129 -0.14 14.79 31.18
N THR C 130 0.11 15.45 30.02
CA THR C 130 1.08 16.54 29.87
C THR C 130 0.68 17.48 28.74
N ASP C 131 1.27 18.70 28.74
CA ASP C 131 1.04 19.73 27.72
C ASP C 131 2.17 19.64 26.67
N MET C 132 3.38 19.30 27.14
CA MET C 132 4.59 19.15 26.32
C MET C 132 5.33 17.88 26.73
N ALA C 133 5.93 17.22 25.73
CA ALA C 133 6.74 16.02 25.88
C ALA C 133 8.04 16.29 25.11
N VAL C 134 9.18 15.99 25.72
CA VAL C 134 10.50 16.26 25.15
C VAL C 134 11.32 14.98 25.04
N ASN C 135 11.96 14.76 23.86
CA ASN C 135 12.83 13.62 23.60
C ASN C 135 13.97 14.06 22.70
N TRP C 136 15.07 14.51 23.32
CA TRP C 136 16.22 14.99 22.55
C TRP C 136 16.94 13.87 21.78
N ALA C 137 16.69 12.59 22.14
CA ALA C 137 17.29 11.44 21.44
C ALA C 137 16.50 11.11 20.16
N GLY C 138 15.32 11.72 20.02
CA GLY C 138 14.44 11.55 18.85
C GLY C 138 14.74 12.52 17.72
N GLY C 139 13.83 12.57 16.73
CA GLY C 139 13.95 13.48 15.59
C GLY C 139 14.73 12.96 14.40
N LEU C 140 14.81 11.62 14.27
CA LEU C 140 15.59 11.01 13.19
C LEU C 140 14.74 10.94 11.89
N HIS C 141 14.51 12.14 11.32
CA HIS C 141 13.63 12.45 10.21
C HIS C 141 13.94 11.85 8.82
N HIS C 142 15.15 11.30 8.56
CA HIS C 142 15.46 10.76 7.22
C HIS C 142 15.11 9.27 7.00
N ALA C 143 14.95 8.49 8.06
CA ALA C 143 14.67 7.05 7.91
C ALA C 143 13.41 6.79 7.08
N LYS C 144 13.51 5.89 6.11
CA LYS C 144 12.42 5.50 5.22
C LYS C 144 11.86 4.12 5.59
N LYS C 145 10.76 3.73 4.93
CA LYS C 145 10.08 2.45 5.22
C LYS C 145 11.04 1.28 5.26
N SER C 146 11.90 1.18 4.25
CA SER C 146 12.86 0.08 4.19
C SER C 146 14.24 0.59 3.79
N GLU C 147 14.67 1.72 4.40
CA GLU C 147 15.98 2.27 4.07
C GLU C 147 16.47 3.21 5.16
N ALA C 148 17.75 3.01 5.58
CA ALA C 148 18.40 3.89 6.52
C ALA C 148 18.86 5.07 5.65
N SER C 149 18.95 6.28 6.23
CA SER C 149 19.39 7.45 5.46
C SER C 149 19.89 8.54 6.41
N GLY C 150 20.95 9.24 6.02
CA GLY C 150 21.49 10.36 6.78
C GLY C 150 21.48 10.21 8.29
N PHE C 151 22.19 9.15 8.79
CA PHE C 151 22.36 8.83 10.22
C PHE C 151 21.13 8.28 10.95
N CYS C 152 19.99 8.18 10.25
CA CYS C 152 18.70 7.72 10.76
C CYS C 152 18.39 6.30 10.32
N TYR C 153 17.94 5.46 11.26
CA TYR C 153 17.63 4.06 10.91
C TYR C 153 16.15 3.81 11.09
N VAL C 154 15.58 4.25 12.21
CA VAL C 154 14.18 4.08 12.51
C VAL C 154 13.55 5.45 12.66
N ASN C 155 12.47 5.68 11.91
CA ASN C 155 11.81 6.97 11.94
C ASN C 155 10.92 7.11 13.15
N ASP C 156 11.52 7.56 14.28
CA ASP C 156 10.78 7.75 15.54
C ASP C 156 9.64 8.76 15.40
N ILE C 157 9.84 9.79 14.55
CA ILE C 157 8.86 10.84 14.32
C ILE C 157 7.57 10.27 13.71
N VAL C 158 7.71 9.49 12.65
CA VAL C 158 6.56 8.90 11.95
C VAL C 158 5.77 8.00 12.92
N LEU C 159 6.51 7.19 13.70
CA LEU C 159 5.90 6.29 14.68
C LEU C 159 5.17 7.07 15.77
N ALA C 160 5.76 8.19 16.26
CA ALA C 160 5.11 9.02 17.27
C ALA C 160 3.87 9.70 16.64
N ILE C 161 3.97 10.16 15.36
CA ILE C 161 2.81 10.80 14.72
C ILE C 161 1.68 9.78 14.53
N LEU C 162 2.02 8.55 14.12
CA LEU C 162 1.01 7.50 13.94
C LEU C 162 0.27 7.28 15.29
N GLU C 163 1.01 7.38 16.41
CA GLU C 163 0.41 7.26 17.73
C GLU C 163 -0.54 8.47 18.00
N LEU C 164 -0.09 9.71 17.68
CA LEU C 164 -0.90 10.93 17.86
C LEU C 164 -2.18 10.89 17.05
N LEU C 165 -2.11 10.30 15.85
CA LEU C 165 -3.24 10.17 14.92
C LEU C 165 -4.40 9.32 15.47
N LYS C 166 -4.14 8.53 16.52
CA LYS C 166 -5.22 7.75 17.12
C LYS C 166 -6.18 8.69 17.88
N TYR C 167 -5.67 9.83 18.38
CA TYR C 167 -6.43 10.78 19.20
C TYR C 167 -6.62 12.17 18.59
N HIS C 168 -5.87 12.47 17.52
CA HIS C 168 -5.91 13.77 16.87
C HIS C 168 -6.23 13.65 15.41
N GLN C 169 -7.24 14.40 14.96
CA GLN C 169 -7.64 14.39 13.56
C GLN C 169 -6.54 14.99 12.67
N ARG C 170 -5.91 16.09 13.12
CA ARG C 170 -4.89 16.77 12.34
C ARG C 170 -3.68 17.00 13.23
N VAL C 171 -2.50 16.66 12.70
CA VAL C 171 -1.21 16.79 13.36
C VAL C 171 -0.33 17.67 12.49
N LEU C 172 0.33 18.66 13.09
CA LEU C 172 1.24 19.54 12.40
C LEU C 172 2.69 19.14 12.74
N TYR C 173 3.50 18.89 11.71
CA TYR C 173 4.90 18.57 11.89
C TYR C 173 5.74 19.76 11.40
N ILE C 174 6.63 20.28 12.24
CA ILE C 174 7.50 21.40 11.87
C ILE C 174 8.94 20.96 12.05
N ASP C 175 9.77 21.21 11.04
CA ASP C 175 11.15 20.77 11.06
C ASP C 175 12.14 21.92 10.86
N ILE C 176 12.87 22.32 11.93
CA ILE C 176 13.85 23.43 11.87
C ILE C 176 15.28 22.91 11.77
N ASP C 177 15.45 21.59 11.52
CA ASP C 177 16.77 21.01 11.28
C ASP C 177 17.24 21.66 9.97
N ILE C 178 18.56 21.81 9.74
CA ILE C 178 19.03 22.42 8.47
C ILE C 178 18.74 21.52 7.24
N HIS C 179 18.54 20.23 7.47
CA HIS C 179 18.27 19.28 6.38
C HIS C 179 16.77 19.10 6.22
N HIS C 180 16.32 18.82 4.99
CA HIS C 180 14.90 18.59 4.71
C HIS C 180 14.42 17.32 5.44
N GLY C 181 13.27 17.38 6.10
CA GLY C 181 12.69 16.22 6.80
C GLY C 181 11.99 15.34 5.78
N ASP C 182 12.77 14.74 4.86
CA ASP C 182 12.23 13.92 3.76
C ASP C 182 11.48 12.64 4.18
N GLY C 183 11.98 11.92 5.20
CA GLY C 183 11.31 10.68 5.61
C GLY C 183 9.93 10.91 6.21
N VAL C 184 9.75 12.05 6.92
CA VAL C 184 8.45 12.38 7.54
C VAL C 184 7.53 12.87 6.43
N GLU C 185 8.06 13.74 5.58
CA GLU C 185 7.28 14.26 4.46
C GLU C 185 6.77 13.10 3.58
N GLU C 186 7.64 12.15 3.26
CA GLU C 186 7.25 11.00 2.42
C GLU C 186 6.17 10.14 3.07
N ALA C 187 6.34 9.82 4.35
CA ALA C 187 5.37 9.00 5.07
C ALA C 187 3.95 9.56 4.99
N PHE C 188 3.82 10.91 5.13
CA PHE C 188 2.51 11.56 5.12
C PHE C 188 2.22 12.37 3.86
N TYR C 189 2.93 12.05 2.76
CA TYR C 189 2.81 12.82 1.50
C TYR C 189 1.43 12.81 0.87
N THR C 190 0.64 11.71 1.10
CA THR C 190 -0.69 11.63 0.46
C THR C 190 -1.86 11.79 1.45
N THR C 191 -1.60 12.34 2.63
CA THR C 191 -2.67 12.54 3.59
C THR C 191 -2.79 13.99 4.03
N ASP C 192 -4.01 14.42 4.34
CA ASP C 192 -4.28 15.75 4.85
C ASP C 192 -4.35 15.69 6.39
N ARG C 193 -4.16 14.48 6.97
CA ARG C 193 -4.19 14.30 8.42
C ARG C 193 -2.90 14.70 9.09
N VAL C 194 -1.84 14.88 8.29
CA VAL C 194 -0.56 15.36 8.79
C VAL C 194 -0.07 16.43 7.82
N MET C 195 0.18 17.64 8.32
CA MET C 195 0.77 18.69 7.48
C MET C 195 2.25 18.73 7.87
N THR C 196 3.15 18.66 6.88
CA THR C 196 4.60 18.70 7.16
C THR C 196 5.15 20.03 6.68
N VAL C 197 5.92 20.71 7.54
CA VAL C 197 6.50 22.02 7.19
C VAL C 197 8.00 21.95 7.48
N SER C 198 8.82 22.02 6.44
CA SER C 198 10.26 21.98 6.63
C SER C 198 10.95 23.23 6.09
N PHE C 199 11.85 23.80 6.90
CA PHE C 199 12.70 24.93 6.54
C PHE C 199 14.08 24.30 6.44
N HIS C 200 14.76 24.47 5.30
CA HIS C 200 16.05 23.79 5.14
C HIS C 200 16.92 24.35 4.09
N LYS C 201 18.23 24.05 4.18
CA LYS C 201 19.21 24.41 3.16
C LYS C 201 18.91 23.49 1.97
N TYR C 202 18.80 24.12 0.79
CA TYR C 202 18.50 23.41 -0.45
C TYR C 202 19.49 23.85 -1.53
N GLY C 203 19.97 22.90 -2.32
CA GLY C 203 20.91 23.16 -3.40
C GLY C 203 22.29 22.61 -3.11
N GLU C 204 22.65 21.51 -3.80
CA GLU C 204 23.94 20.82 -3.64
C GLU C 204 24.11 20.51 -2.14
N TYR C 205 23.06 19.92 -1.56
CA TYR C 205 23.02 19.61 -0.13
C TYR C 205 22.11 18.43 0.12
N PHE C 206 22.51 17.58 1.07
CA PHE C 206 21.76 16.38 1.45
C PHE C 206 20.39 16.77 2.03
N PRO C 207 19.29 16.01 1.77
CA PRO C 207 19.18 14.80 0.94
C PRO C 207 18.92 15.08 -0.55
N GLY C 208 18.75 16.36 -0.92
CA GLY C 208 18.47 16.75 -2.30
C GLY C 208 17.01 16.95 -2.63
N THR C 209 16.15 16.84 -1.61
CA THR C 209 14.69 16.99 -1.75
C THR C 209 14.19 18.25 -1.01
N GLY C 210 12.88 18.45 -1.00
CA GLY C 210 12.29 19.59 -0.32
C GLY C 210 12.27 20.84 -1.18
N ASP C 211 12.03 20.64 -2.48
CA ASP C 211 11.92 21.71 -3.46
C ASP C 211 10.63 22.47 -3.14
N LEU C 212 10.58 23.76 -3.52
CA LEU C 212 9.42 24.63 -3.31
C LEU C 212 8.15 23.99 -3.91
N ARG C 213 8.30 23.30 -5.06
CA ARG C 213 7.21 22.64 -5.80
C ARG C 213 6.69 21.35 -5.17
N ASP C 214 7.38 20.79 -4.14
CA ASP C 214 6.91 19.54 -3.52
C ASP C 214 5.85 19.91 -2.48
N ILE C 215 4.58 19.82 -2.88
CA ILE C 215 3.45 20.22 -2.03
C ILE C 215 2.53 19.07 -1.59
N GLY C 216 2.90 17.82 -1.87
CA GLY C 216 2.05 16.68 -1.50
C GLY C 216 1.27 16.17 -2.70
N ALA C 217 0.53 15.07 -2.52
CA ALA C 217 -0.27 14.51 -3.64
C ALA C 217 -1.55 13.87 -3.13
N GLY C 218 -2.50 13.68 -4.02
CA GLY C 218 -3.79 13.09 -3.67
C GLY C 218 -4.48 14.01 -2.68
N LYS C 219 -5.03 13.43 -1.59
CA LYS C 219 -5.68 14.21 -0.53
C LYS C 219 -4.66 15.06 0.25
N GLY C 220 -3.37 14.75 0.11
CA GLY C 220 -2.29 15.46 0.78
C GLY C 220 -1.78 16.64 -0.04
N LYS C 221 -2.40 16.89 -1.22
CA LYS C 221 -1.98 18.04 -2.07
C LYS C 221 -2.22 19.32 -1.27
N TYR C 222 -1.16 20.12 -1.11
CA TYR C 222 -1.09 21.36 -0.32
C TYR C 222 -0.85 21.08 1.19
N TYR C 223 -0.63 19.80 1.57
CA TYR C 223 -0.38 19.49 2.98
C TYR C 223 1.08 19.14 3.28
N ALA C 224 1.98 19.54 2.36
CA ALA C 224 3.43 19.42 2.53
C ALA C 224 3.92 20.83 2.13
N VAL C 225 4.73 21.43 2.99
CA VAL C 225 5.23 22.81 2.80
C VAL C 225 6.75 22.78 2.90
N ASN C 226 7.42 23.36 1.92
CA ASN C 226 8.88 23.43 1.92
C ASN C 226 9.37 24.85 1.70
N PHE C 227 10.34 25.28 2.53
CA PHE C 227 10.97 26.58 2.43
C PHE C 227 12.45 26.32 2.18
N PRO C 228 12.85 26.22 0.90
CA PRO C 228 14.27 25.99 0.58
C PRO C 228 15.10 27.27 0.80
N MET C 229 16.23 27.14 1.49
CA MET C 229 17.08 28.30 1.81
C MET C 229 18.50 28.13 1.31
N ARG C 230 19.25 29.24 1.25
CA ARG C 230 20.66 29.26 0.86
C ARG C 230 21.52 29.41 2.12
N ASP C 231 22.85 29.34 1.99
CA ASP C 231 23.78 29.49 3.12
C ASP C 231 23.63 30.85 3.82
N GLY C 232 24.03 30.88 5.09
CA GLY C 232 24.10 32.09 5.89
C GLY C 232 22.86 32.74 6.44
N ILE C 233 21.71 32.04 6.45
CA ILE C 233 20.51 32.68 7.02
C ILE C 233 20.77 33.05 8.48
N ASP C 234 20.35 34.26 8.88
CA ASP C 234 20.57 34.76 10.24
C ASP C 234 19.27 34.81 11.05
N ASP C 235 19.35 35.13 12.35
CA ASP C 235 18.19 35.19 13.25
C ASP C 235 17.04 36.03 12.74
N GLU C 236 17.32 37.29 12.30
CA GLU C 236 16.27 38.19 11.81
C GLU C 236 15.56 37.63 10.57
N SER C 237 16.31 37.20 9.55
CA SER C 237 15.78 36.67 8.29
C SER C 237 14.94 35.41 8.52
N TYR C 238 15.42 34.51 9.39
CA TYR C 238 14.74 33.26 9.72
C TYR C 238 13.45 33.55 10.47
N GLY C 239 13.53 34.34 11.54
CA GLY C 239 12.40 34.73 12.36
C GLY C 239 11.28 35.43 11.60
N GLN C 240 11.65 36.26 10.59
CA GLN C 240 10.70 37.02 9.75
C GLN C 240 10.00 36.08 8.76
N ILE C 241 10.56 34.87 8.57
CA ILE C 241 10.03 33.83 7.69
C ILE C 241 9.16 32.88 8.54
N PHE C 242 9.73 32.35 9.63
CA PHE C 242 9.10 31.38 10.51
C PHE C 242 7.74 31.80 11.05
N LYS C 243 7.67 32.93 11.82
CA LYS C 243 6.45 33.41 12.45
C LYS C 243 5.26 33.62 11.47
N PRO C 244 5.38 34.38 10.36
CA PRO C 244 4.21 34.54 9.47
C PRO C 244 3.78 33.23 8.80
N ILE C 245 4.75 32.37 8.38
CA ILE C 245 4.45 31.08 7.73
C ILE C 245 3.68 30.17 8.72
N ILE C 246 4.27 29.93 9.91
CA ILE C 246 3.65 29.08 10.95
C ILE C 246 2.29 29.63 11.39
N SER C 247 2.18 30.96 11.57
CA SER C 247 0.90 31.56 11.98
C SER C 247 -0.18 31.31 10.91
N LYS C 248 0.17 31.39 9.62
CA LYS C 248 -0.79 31.13 8.54
C LYS C 248 -1.15 29.64 8.50
N VAL C 249 -0.16 28.76 8.74
CA VAL C 249 -0.39 27.30 8.78
C VAL C 249 -1.37 26.99 9.92
N MET C 250 -1.17 27.60 11.11
CA MET C 250 -2.05 27.37 12.27
C MET C 250 -3.50 27.81 11.98
N GLU C 251 -3.65 28.97 11.30
CA GLU C 251 -4.92 29.58 10.90
C GLU C 251 -5.69 28.66 9.93
N MET C 252 -5.03 28.28 8.83
CA MET C 252 -5.57 27.45 7.78
C MET C 252 -5.74 25.97 8.11
N TYR C 253 -4.73 25.35 8.75
CA TYR C 253 -4.76 23.92 9.04
C TYR C 253 -5.47 23.56 10.34
N GLN C 254 -5.45 24.45 11.35
CA GLN C 254 -6.09 24.25 12.65
C GLN C 254 -5.75 22.84 13.22
N PRO C 255 -4.46 22.55 13.51
CA PRO C 255 -4.14 21.21 14.03
C PRO C 255 -4.52 21.09 15.51
N SER C 256 -4.65 19.86 16.01
CA SER C 256 -4.97 19.63 17.43
C SER C 256 -3.74 19.15 18.21
N ALA C 257 -2.62 18.87 17.51
CA ALA C 257 -1.35 18.47 18.10
C ALA C 257 -0.22 18.92 17.21
N VAL C 258 0.95 19.20 17.81
CA VAL C 258 2.14 19.66 17.07
C VAL C 258 3.36 18.83 17.44
N VAL C 259 4.19 18.53 16.42
CA VAL C 259 5.46 17.80 16.59
C VAL C 259 6.51 18.76 16.04
N LEU C 260 7.50 19.13 16.87
CA LEU C 260 8.53 20.05 16.44
C LEU C 260 9.90 19.39 16.51
N GLN C 261 10.54 19.23 15.34
CA GLN C 261 11.90 18.64 15.26
C GLN C 261 12.85 19.84 15.39
N CYS C 262 13.67 19.86 16.45
CA CYS C 262 14.57 20.96 16.77
C CYS C 262 16.02 20.72 16.44
N GLY C 263 16.31 20.04 15.32
CA GLY C 263 17.69 19.77 14.89
C GLY C 263 18.50 21.05 15.05
N ALA C 264 19.62 20.97 15.80
CA ALA C 264 20.49 22.09 16.14
C ALA C 264 21.60 22.37 15.12
N ASP C 265 21.59 21.70 13.95
CA ASP C 265 22.59 21.91 12.90
C ASP C 265 22.33 23.17 12.05
N SER C 266 21.28 23.90 12.39
CA SER C 266 20.91 25.16 11.75
C SER C 266 21.60 26.31 12.54
N LEU C 267 22.38 25.98 13.59
CA LEU C 267 23.09 26.97 14.40
C LEU C 267 24.40 27.39 13.71
N SER C 268 24.85 28.63 13.97
CA SER C 268 26.11 29.16 13.43
C SER C 268 27.25 28.25 13.96
N GLY C 269 28.23 27.94 13.11
CA GLY C 269 29.38 27.13 13.51
C GLY C 269 29.15 25.62 13.55
N ASP C 270 28.01 25.13 13.04
CA ASP C 270 27.77 23.68 13.02
C ASP C 270 28.75 23.03 12.06
N ARG C 271 29.29 21.85 12.42
CA ARG C 271 30.24 21.09 11.59
C ARG C 271 29.74 20.76 10.18
N LEU C 272 28.44 20.46 10.05
CA LEU C 272 27.86 20.10 8.75
C LEU C 272 26.98 21.20 8.16
N GLY C 273 26.39 22.01 9.03
CA GLY C 273 25.50 23.10 8.65
C GLY C 273 26.20 24.34 8.11
N CYS C 274 25.45 25.20 7.41
CA CYS C 274 25.92 26.44 6.78
C CYS C 274 25.00 27.64 7.08
N PHE C 275 24.19 27.54 8.17
CA PHE C 275 23.28 28.62 8.59
C PHE C 275 24.00 29.45 9.63
N ASN C 276 23.43 30.60 9.99
CA ASN C 276 24.04 31.50 10.94
C ASN C 276 23.11 31.87 12.09
N LEU C 277 22.26 30.92 12.54
CA LEU C 277 21.38 31.24 13.66
C LEU C 277 22.11 31.15 14.99
N THR C 278 21.57 31.81 16.03
CA THR C 278 22.13 31.72 17.39
C THR C 278 21.13 30.84 18.14
N VAL C 279 21.45 30.46 19.38
CA VAL C 279 20.56 29.68 20.24
C VAL C 279 19.22 30.42 20.44
N LYS C 280 19.28 31.77 20.60
CA LYS C 280 18.09 32.61 20.78
C LYS C 280 17.21 32.59 19.53
N GLY C 281 17.81 32.69 18.35
CA GLY C 281 17.11 32.67 17.09
C GLY C 281 16.48 31.33 16.79
N HIS C 282 17.16 30.25 17.21
CA HIS C 282 16.69 28.88 17.02
C HIS C 282 15.51 28.67 17.99
N ALA C 283 15.67 29.04 19.29
CA ALA C 283 14.64 28.89 20.32
C ALA C 283 13.42 29.76 20.13
N LYS C 284 13.56 30.80 19.28
CA LYS C 284 12.45 31.71 18.95
C LYS C 284 11.34 30.87 18.29
N CYS C 285 11.73 29.80 17.56
CA CYS C 285 10.80 28.88 16.90
C CYS C 285 9.98 28.13 17.93
N VAL C 286 10.61 27.72 19.05
CA VAL C 286 9.94 27.01 20.13
C VAL C 286 8.89 27.95 20.79
N GLU C 287 9.26 29.23 21.04
CA GLU C 287 8.41 30.27 21.65
C GLU C 287 7.18 30.50 20.77
N VAL C 288 7.38 30.71 19.47
CA VAL C 288 6.32 30.94 18.48
C VAL C 288 5.31 29.78 18.51
N VAL C 289 5.78 28.51 18.45
CA VAL C 289 4.91 27.32 18.47
C VAL C 289 4.11 27.24 19.81
N LYS C 290 4.76 27.56 20.93
CA LYS C 290 4.16 27.56 22.28
C LYS C 290 2.94 28.49 22.42
N THR C 291 2.95 29.65 21.74
CA THR C 291 1.87 30.66 21.80
C THR C 291 0.52 30.12 21.35
N PHE C 292 0.50 29.03 20.54
CA PHE C 292 -0.74 28.44 20.02
C PHE C 292 -1.43 27.52 21.02
N ASN C 293 -0.76 27.21 22.15
CA ASN C 293 -1.32 26.40 23.25
C ASN C 293 -1.87 25.01 22.82
N LEU C 294 -1.12 24.32 21.97
CA LEU C 294 -1.52 22.99 21.50
C LEU C 294 -0.59 21.90 22.10
N PRO C 295 -1.08 20.65 22.35
CA PRO C 295 -0.20 19.58 22.87
C PRO C 295 1.02 19.51 21.95
N LEU C 296 2.21 19.53 22.55
CA LEU C 296 3.43 19.59 21.77
C LEU C 296 4.50 18.55 22.12
N LEU C 297 5.02 17.91 21.09
CA LEU C 297 6.09 16.94 21.21
C LEU C 297 7.31 17.57 20.59
N MET C 298 8.35 17.82 21.41
CA MET C 298 9.61 18.45 20.97
C MET C 298 10.70 17.38 20.82
N LEU C 299 11.29 17.28 19.64
CA LEU C 299 12.33 16.27 19.37
C LEU C 299 13.64 16.86 18.99
N GLY C 300 14.69 16.02 19.07
CA GLY C 300 16.04 16.42 18.68
C GLY C 300 16.21 16.29 17.19
N GLY C 301 17.38 15.87 16.78
CA GLY C 301 17.69 15.72 15.35
C GLY C 301 19.15 15.98 15.15
N GLY C 302 19.49 16.73 14.10
CA GLY C 302 20.88 17.07 13.82
C GLY C 302 21.50 17.99 14.86
N GLY C 303 22.79 18.25 14.71
CA GLY C 303 23.58 19.10 15.61
C GLY C 303 24.91 18.42 15.76
N TYR C 304 25.96 18.99 15.13
CA TYR C 304 27.28 18.38 15.05
C TYR C 304 28.46 19.18 15.70
N THR C 305 28.18 20.33 16.36
CA THR C 305 29.16 21.11 17.16
C THR C 305 28.51 20.91 18.52
N ILE C 306 28.82 19.76 19.14
CA ILE C 306 28.16 19.24 20.33
C ILE C 306 28.08 20.24 21.50
N ARG C 307 29.05 21.15 21.70
CA ARG C 307 28.90 22.13 22.78
C ARG C 307 27.66 23.06 22.53
N ASN C 308 27.42 23.46 21.25
CA ASN C 308 26.29 24.31 20.87
C ASN C 308 24.96 23.57 20.91
N VAL C 309 25.00 22.25 20.66
CA VAL C 309 23.79 21.38 20.75
C VAL C 309 23.33 21.36 22.20
N ALA C 310 24.27 21.17 23.14
CA ALA C 310 23.89 21.15 24.57
C ALA C 310 23.29 22.50 24.98
N ARG C 311 23.88 23.61 24.51
CA ARG C 311 23.39 24.97 24.80
C ARG C 311 21.96 25.15 24.27
N CYS C 312 21.78 24.84 22.97
CA CYS C 312 20.51 24.94 22.26
C CYS C 312 19.37 24.20 22.93
N TRP C 313 19.53 22.89 23.12
CA TRP C 313 18.49 22.05 23.70
C TRP C 313 18.26 22.34 25.19
N THR C 314 19.28 22.83 25.91
CA THR C 314 19.10 23.22 27.30
C THR C 314 18.19 24.44 27.31
N TYR C 315 18.50 25.46 26.47
CA TYR C 315 17.72 26.69 26.41
C TYR C 315 16.29 26.44 25.95
N GLU C 316 16.11 25.50 25.00
CA GLU C 316 14.79 25.13 24.49
C GLU C 316 13.95 24.41 25.53
N THR C 317 14.58 23.63 26.43
CA THR C 317 13.84 22.98 27.52
C THR C 317 13.41 24.08 28.50
N ALA C 318 14.26 25.12 28.67
CA ALA C 318 13.94 26.23 29.57
C ALA C 318 12.79 27.05 28.99
N VAL C 319 12.80 27.26 27.66
CA VAL C 319 11.74 27.96 26.94
C VAL C 319 10.42 27.16 27.14
N ALA C 320 10.48 25.80 27.01
CA ALA C 320 9.31 24.94 27.20
C ALA C 320 8.75 25.08 28.64
N LEU C 321 9.65 25.21 29.64
CA LEU C 321 9.30 25.37 31.06
C LEU C 321 8.99 26.84 31.44
N ASP C 322 9.18 27.80 30.50
CA ASP C 322 8.96 29.23 30.72
C ASP C 322 9.86 29.76 31.87
N CYS C 323 11.12 29.30 31.86
CA CYS C 323 12.13 29.66 32.85
C CYS C 323 13.28 30.38 32.15
N GLU C 324 13.50 31.67 32.49
CA GLU C 324 14.58 32.48 31.90
C GLU C 324 15.88 32.16 32.65
N ILE C 325 16.62 31.15 32.17
CA ILE C 325 17.86 30.70 32.82
C ILE C 325 19.04 31.68 32.59
N PRO C 326 19.97 31.84 33.58
CA PRO C 326 21.10 32.77 33.38
C PRO C 326 22.07 32.38 32.28
N ASN C 327 22.71 33.38 31.68
CA ASN C 327 23.67 33.19 30.60
C ASN C 327 24.96 32.51 31.10
N GLU C 328 25.26 32.65 32.40
CA GLU C 328 26.44 32.05 32.99
C GLU C 328 26.14 30.59 33.18
N LEU C 329 26.90 29.72 32.50
CA LEU C 329 26.67 28.28 32.63
C LEU C 329 26.98 27.80 34.04
N PRO C 330 26.14 26.93 34.62
CA PRO C 330 26.47 26.41 35.95
C PRO C 330 27.62 25.41 35.81
N TYR C 331 28.17 24.96 36.93
CA TYR C 331 29.23 23.98 36.85
C TYR C 331 28.58 22.67 36.39
N ASN C 332 29.28 21.89 35.56
CA ASN C 332 28.73 20.62 35.07
C ASN C 332 29.87 19.65 34.70
N ASP C 333 29.55 18.36 34.50
CA ASP C 333 30.53 17.31 34.15
C ASP C 333 31.27 17.56 32.84
N TYR C 334 30.80 18.54 32.05
CA TYR C 334 31.38 18.86 30.75
C TYR C 334 31.75 20.34 30.64
N PHE C 335 31.88 21.04 31.79
CA PHE C 335 32.20 22.47 31.88
C PHE C 335 33.30 22.95 30.91
N GLU C 336 34.44 22.24 30.83
CA GLU C 336 35.58 22.58 29.96
C GLU C 336 35.26 22.62 28.45
N TYR C 337 34.19 21.92 28.02
CA TYR C 337 33.77 21.89 26.62
C TYR C 337 33.20 23.26 26.20
N PHE C 338 32.71 24.04 27.18
CA PHE C 338 32.07 25.32 26.95
C PHE C 338 32.99 26.53 27.00
N GLY C 339 34.29 26.28 27.06
CA GLY C 339 35.30 27.34 27.08
C GLY C 339 35.46 28.05 25.76
N PRO C 340 36.12 29.23 25.73
CA PRO C 340 36.77 29.94 26.85
C PRO C 340 35.91 30.95 27.62
N ASP C 341 34.70 31.31 27.12
CA ASP C 341 33.84 32.28 27.80
C ASP C 341 32.79 31.66 28.73
N PHE C 342 32.52 30.35 28.59
CA PHE C 342 31.61 29.56 29.43
C PHE C 342 30.19 30.14 29.57
N LYS C 343 29.65 30.63 28.45
CA LYS C 343 28.31 31.22 28.41
C LYS C 343 27.31 30.27 27.72
N LEU C 344 26.02 30.47 27.98
CA LEU C 344 24.94 29.68 27.39
C LEU C 344 24.68 30.13 25.94
N HIS C 345 24.64 31.44 25.71
CA HIS C 345 24.36 31.98 24.39
C HIS C 345 25.60 32.13 23.51
N ILE C 346 25.39 32.08 22.18
CA ILE C 346 26.46 32.17 21.18
C ILE C 346 26.29 33.39 20.26
N SER C 347 27.38 33.81 19.66
CA SER C 347 27.39 34.94 18.73
C SER C 347 27.40 34.40 17.30
N PRO C 348 26.68 35.06 16.37
CA PRO C 348 26.70 34.57 14.98
C PRO C 348 28.07 34.88 14.34
N SER C 349 28.37 34.25 13.21
CA SER C 349 29.63 34.47 12.51
C SER C 349 29.44 35.67 11.57
N ASN C 350 30.50 36.06 10.86
CA ASN C 350 30.45 37.16 9.92
C ASN C 350 30.08 36.67 8.51
N MET C 351 29.71 35.37 8.38
CA MET C 351 29.35 34.79 7.08
C MET C 351 28.23 35.58 6.39
N THR C 352 28.31 35.63 5.06
CA THR C 352 27.32 36.37 4.27
C THR C 352 26.01 35.59 4.12
N ASN C 353 24.88 36.28 4.29
CA ASN C 353 23.55 35.71 4.12
C ASN C 353 23.30 35.69 2.62
N GLN C 354 23.22 34.48 2.04
CA GLN C 354 23.03 34.32 0.60
C GLN C 354 21.56 34.38 0.21
N ASN C 355 20.65 34.49 1.21
CA ASN C 355 19.21 34.58 1.00
C ASN C 355 18.85 36.06 0.83
N THR C 356 18.79 36.52 -0.42
CA THR C 356 18.47 37.93 -0.68
C THR C 356 17.02 38.23 -0.27
N PRO C 357 16.69 39.50 0.08
CA PRO C 357 15.30 39.84 0.39
C PRO C 357 14.32 39.45 -0.74
N GLU C 358 14.71 39.59 -2.03
CA GLU C 358 13.83 39.22 -3.16
C GLU C 358 13.50 37.72 -3.13
N TYR C 359 14.54 36.87 -2.96
CA TYR C 359 14.46 35.40 -2.90
C TYR C 359 13.49 35.01 -1.78
N MET C 360 13.68 35.58 -0.59
CA MET C 360 12.85 35.32 0.58
C MET C 360 11.39 35.68 0.38
N GLU C 361 11.13 36.87 -0.22
CA GLU C 361 9.78 37.37 -0.49
C GLU C 361 9.07 36.50 -1.51
N LYS C 362 9.80 36.05 -2.55
CA LYS C 362 9.29 35.20 -3.64
C LYS C 362 8.80 33.85 -3.05
N ILE C 363 9.61 33.23 -2.17
CA ILE C 363 9.26 31.94 -1.56
C ILE C 363 8.04 32.09 -0.65
N LYS C 364 8.08 33.09 0.25
CA LYS C 364 6.99 33.38 1.19
C LYS C 364 5.69 33.63 0.42
N GLN C 365 5.76 34.39 -0.69
CA GLN C 365 4.61 34.71 -1.55
C GLN C 365 3.97 33.41 -2.02
N ARG C 366 4.77 32.50 -2.60
CA ARG C 366 4.36 31.20 -3.11
C ARG C 366 3.72 30.31 -2.03
N LEU C 367 4.31 30.27 -0.81
CA LEU C 367 3.80 29.46 0.30
C LEU C 367 2.46 29.96 0.75
N PHE C 368 2.31 31.29 0.86
CA PHE C 368 1.05 31.89 1.28
C PHE C 368 -0.06 31.55 0.29
N GLU C 369 0.25 31.56 -1.02
CA GLU C 369 -0.65 31.19 -2.13
C GLU C 369 -1.09 29.72 -1.96
N ASN C 370 -0.13 28.81 -1.62
CA ASN C 370 -0.40 27.39 -1.38
C ASN C 370 -1.24 27.16 -0.13
N LEU C 371 -1.00 27.96 0.91
CA LEU C 371 -1.77 27.87 2.15
C LEU C 371 -3.23 28.32 2.01
N ARG C 372 -3.52 29.16 0.98
N ARG C 372 -3.51 29.17 0.98
CA ARG C 372 -4.86 29.66 0.70
CA ARG C 372 -4.86 29.67 0.69
C ARG C 372 -5.74 28.62 0.00
C ARG C 372 -5.73 28.59 0.06
N MET C 373 -5.11 27.55 -0.53
CA MET C 373 -5.76 26.43 -1.23
C MET C 373 -6.37 25.36 -0.31
N LEU C 374 -6.13 25.44 1.03
CA LEU C 374 -6.59 24.44 2.02
C LEU C 374 -8.13 24.22 2.18
N PRO C 375 -9.02 25.24 2.32
CA PRO C 375 -10.45 24.91 2.52
C PRO C 375 -11.21 24.77 1.21
#